data_9DU1
#
_entry.id   9DU1
#
_cell.length_a   59.163
_cell.length_b   97.512
_cell.length_c   100.002
_cell.angle_alpha   90.00
_cell.angle_beta   93.69
_cell.angle_gamma   90.00
#
_symmetry.space_group_name_H-M   'P 1 21 1'
#
loop_
_entity.id
_entity.type
_entity.pdbx_description
1 polymer 'Peptidyl-prolyl cis-trans isomerase FKBP1A'
2 polymer 'Bromodomain-containing protein 9'
3 non-polymer 4-[4-{cyclopropyl[(1-methyl-1H-pyrazol-4-yl)methyl]amino}-6-({1-[(2R)-2-{[(2S)-1-(3,3-dimethyl-2-oxopentanoyl)piperidine-2-carbonyl]amino}-4-(4-methoxyphenyl)butanoyl]piperidin-4-yl}amino)-1,3,5-triazin-2-yl]-N-ethylpiperazine-1-carboxamide
4 non-polymer GLYCEROL
5 water water
#
loop_
_entity_poly.entity_id
_entity_poly.type
_entity_poly.pdbx_seq_one_letter_code
_entity_poly.pdbx_strand_id
1 'polypeptide(L)'
;SMGVQVETISPGDGRTFPKRGQTCVVHYTGMLEDGKKFDSSRDRNKPFKFMLGKQEVIRGWEEGVAQMSVGQRAKLTISP
DYAYGATGHPGIIPPHATLVFDVELLKLE
;
A,B,C,D
2 'polypeptide(L)'
;GPLGSRTQPAENESTPIQQLLEHFLRQLQRKDPHGFFAFPVTDAIAPGYSMIIKHPMDFGTMKDKIVANEYKSVTEFKAD
FKLMCDNAMTYNRPDTVYYKLAKKILHAGFKMMSKQ
;
E,F,G,H
#
loop_
_chem_comp.id
_chem_comp.type
_chem_comp.name
_chem_comp.formula
A1BB8 non-polymer 4-[4-{cyclopropyl[(1-methyl-1H-pyrazol-4-yl)methyl]amino}-6-({1-[(2R)-2-{[(2S)-1-(3,3-dimethyl-2-oxopentanoyl)piperidine-2-carbonyl]amino}-4-(4-methoxyphenyl)butanoyl]piperidin-4-yl}amino)-1,3,5-triazin-2-yl]-N-ethylpiperazine-1-carboxamide 'C47 H69 N13 O6'
GOL non-polymer GLYCEROL 'C3 H8 O3'
#
# COMPACT_ATOMS: atom_id res chain seq x y z
N MET A 2 12.82 5.22 0.14
CA MET A 2 13.57 4.15 0.80
C MET A 2 14.14 4.61 2.14
N GLY A 3 14.38 5.91 2.33
CA GLY A 3 15.14 6.31 3.51
C GLY A 3 14.45 5.97 4.81
N VAL A 4 13.15 6.25 4.90
CA VAL A 4 12.39 5.88 6.08
C VAL A 4 11.02 5.41 5.63
N GLN A 5 10.58 4.28 6.13
CA GLN A 5 9.22 3.78 5.91
C GLN A 5 8.44 3.83 7.21
N VAL A 6 7.20 4.30 7.15
CA VAL A 6 6.37 4.43 8.34
C VAL A 6 5.20 3.47 8.13
N GLU A 7 5.07 2.48 9.02
CA GLU A 7 3.94 1.54 9.03
C GLU A 7 3.18 1.71 10.31
N THR A 8 1.87 1.96 10.23
CA THR A 8 1.11 2.26 11.43
C THR A 8 0.85 0.96 12.19
N ILE A 9 1.12 1.00 13.50
CA ILE A 9 0.77 -0.07 14.42
C ILE A 9 -0.56 0.18 15.11
N SER A 10 -0.76 1.42 15.54
CA SER A 10 -2.03 1.88 16.05
C SER A 10 -2.15 3.34 15.68
N PRO A 11 -3.35 3.82 15.39
CA PRO A 11 -3.52 5.14 14.80
C PRO A 11 -3.36 6.24 15.83
N GLY A 12 -2.85 7.38 15.35
CA GLY A 12 -2.89 8.63 16.09
C GLY A 12 -4.17 9.40 15.78
N ASP A 13 -4.25 10.62 16.31
CA ASP A 13 -5.47 11.41 16.15
C ASP A 13 -5.64 11.86 14.71
N GLY A 14 -4.60 11.70 13.90
CA GLY A 14 -4.62 12.07 12.49
C GLY A 14 -4.78 13.55 12.21
N ARG A 15 -4.51 14.42 13.19
CA ARG A 15 -4.59 15.86 12.95
C ARG A 15 -3.51 16.68 13.63
N THR A 16 -2.95 16.24 14.74
CA THR A 16 -1.91 16.93 15.50
C THR A 16 -0.55 16.35 15.11
N PHE A 17 0.13 17.02 14.17
CA PHE A 17 1.43 16.57 13.67
C PHE A 17 2.50 17.52 14.20
N PRO A 18 3.71 17.04 14.51
CA PRO A 18 4.70 17.95 15.10
C PRO A 18 5.26 18.92 14.10
N LYS A 19 5.39 20.17 14.54
CA LYS A 19 5.98 21.32 13.84
C LYS A 19 7.36 21.66 14.37
N ARG A 20 8.05 22.54 13.64
CA ARG A 20 9.39 22.98 14.04
C ARG A 20 9.38 23.53 15.46
N GLY A 21 10.33 23.10 16.27
CA GLY A 21 10.43 23.68 17.59
C GLY A 21 9.53 23.08 18.63
N GLN A 22 8.74 22.08 18.27
CA GLN A 22 7.95 21.42 19.30
C GLN A 22 8.77 20.24 19.79
N THR A 23 8.56 19.87 21.04
CA THR A 23 9.24 18.72 21.63
C THR A 23 8.32 17.51 21.49
N CYS A 24 8.86 16.45 20.89
CA CYS A 24 8.14 15.20 20.72
C CYS A 24 8.47 14.31 21.91
N VAL A 25 7.45 13.73 22.53
CA VAL A 25 7.64 12.82 23.66
C VAL A 25 7.27 11.42 23.17
N VAL A 26 8.25 10.53 23.17
CA VAL A 26 8.09 9.20 22.58
C VAL A 26 8.60 8.11 23.51
N HIS A 27 8.02 6.93 23.35
CA HIS A 27 8.60 5.69 23.84
C HIS A 27 9.03 4.90 22.61
N TYR A 28 10.20 4.27 22.66
CA TYR A 28 10.71 3.60 21.48
C TYR A 28 11.43 2.31 21.86
N THR A 29 11.49 1.38 20.91
CA THR A 29 12.43 0.29 20.94
C THR A 29 13.16 0.24 19.60
N GLY A 30 14.50 0.17 19.65
CA GLY A 30 15.31 0.09 18.46
C GLY A 30 15.93 -1.30 18.29
N MET A 31 15.75 -1.88 17.11
CA MET A 31 16.35 -3.15 16.76
C MET A 31 17.08 -3.06 15.42
N LEU A 32 18.08 -3.93 15.26
CA LEU A 32 18.67 -4.14 13.94
C LEU A 32 17.71 -4.95 13.08
N GLU A 33 18.05 -5.06 11.80
CA GLU A 33 17.15 -5.66 10.82
C GLU A 33 16.79 -7.10 11.18
N ASP A 34 17.69 -7.83 11.84
CA ASP A 34 17.43 -9.22 12.20
C ASP A 34 16.68 -9.37 13.51
N GLY A 35 16.31 -8.26 14.14
CA GLY A 35 15.50 -8.27 15.35
C GLY A 35 16.23 -8.06 16.67
N LYS A 36 17.56 -8.10 16.69
CA LYS A 36 18.27 -7.85 17.95
C LYS A 36 18.04 -6.42 18.45
N LYS A 37 17.64 -6.31 19.71
CA LYS A 37 17.43 -5.01 20.34
C LYS A 37 18.79 -4.36 20.68
N PHE A 38 18.90 -3.07 20.38
CA PHE A 38 20.02 -2.26 20.84
C PHE A 38 19.64 -1.20 21.87
N ASP A 39 18.38 -0.80 21.99
CA ASP A 39 18.02 0.17 23.03
C ASP A 39 16.51 0.24 23.14
N SER A 40 16.03 0.70 24.29
CA SER A 40 14.61 0.95 24.47
C SER A 40 14.41 1.93 25.60
N SER A 41 13.67 3.00 25.33
CA SER A 41 13.29 3.91 26.41
C SER A 41 12.32 3.25 27.39
N ARG A 42 11.51 2.27 26.94
CA ARG A 42 10.60 1.63 27.89
C ARG A 42 11.38 0.91 28.99
N ASP A 43 12.54 0.35 28.64
CA ASP A 43 13.38 -0.32 29.62
C ASP A 43 13.87 0.66 30.68
N ARG A 44 13.85 1.96 30.40
CA ARG A 44 14.29 2.94 31.38
C ARG A 44 13.13 3.63 32.07
N ASN A 45 11.88 3.24 31.75
CA ASN A 45 10.67 3.79 32.38
C ASN A 45 10.60 5.30 32.23
N LYS A 46 11.15 5.82 31.14
CA LYS A 46 11.26 7.25 30.92
C LYS A 46 11.20 7.55 29.43
N PRO A 47 10.20 8.30 28.97
CA PRO A 47 10.12 8.61 27.54
C PRO A 47 11.32 9.44 27.08
N PHE A 48 11.60 9.35 25.78
CA PHE A 48 12.60 10.19 25.14
C PHE A 48 11.99 11.44 24.54
N LYS A 49 12.66 12.57 24.73
CA LYS A 49 12.20 13.84 24.23
C LYS A 49 13.25 14.43 23.30
N PHE A 50 12.77 15.03 22.23
CA PHE A 50 13.66 15.74 21.32
C PHE A 50 12.84 16.82 20.66
N MET A 51 13.50 17.88 20.19
CA MET A 51 12.77 18.97 19.61
C MET A 51 12.95 18.88 18.10
N LEU A 52 11.85 18.95 17.37
CA LEU A 52 11.90 18.86 15.92
C LEU A 52 12.57 20.10 15.38
N GLY A 53 13.36 19.92 14.33
CA GLY A 53 14.00 21.04 13.70
C GLY A 53 15.31 21.42 14.36
N LYS A 54 15.89 20.55 15.19
CA LYS A 54 17.01 20.97 16.01
C LYS A 54 18.20 20.06 15.81
N GLN A 55 18.18 19.22 14.79
CA GLN A 55 19.28 18.33 14.43
C GLN A 55 19.72 17.42 15.58
N GLU A 56 18.78 17.02 16.42
CA GLU A 56 19.09 16.22 17.61
C GLU A 56 19.10 14.72 17.32
N VAL A 57 18.53 14.29 16.19
CA VAL A 57 18.34 12.88 15.89
C VAL A 57 18.65 12.60 14.42
N ILE A 58 18.91 11.33 14.13
CA ILE A 58 19.11 10.79 12.79
C ILE A 58 17.96 11.14 11.86
N ARG A 59 18.26 11.30 10.57
CA ARG A 59 17.29 11.83 9.61
C ARG A 59 16.04 10.95 9.50
N GLY A 60 16.18 9.63 9.63
CA GLY A 60 14.99 8.80 9.57
C GLY A 60 14.01 9.06 10.69
N TRP A 61 14.52 9.46 11.88
CA TRP A 61 13.61 9.89 12.93
C TRP A 61 13.02 11.25 12.67
N GLU A 62 13.87 12.21 12.27
CA GLU A 62 13.41 13.55 11.95
C GLU A 62 12.25 13.51 10.97
N GLU A 63 12.42 12.78 9.86
CA GLU A 63 11.39 12.73 8.84
C GLU A 63 10.29 11.73 9.18
N GLY A 64 10.63 10.64 9.87
CA GLY A 64 9.63 9.63 10.21
C GLY A 64 8.67 10.10 11.28
N VAL A 65 9.20 10.67 12.37
CA VAL A 65 8.30 11.15 13.42
C VAL A 65 7.47 12.33 12.93
N ALA A 66 8.02 13.16 12.04
CA ALA A 66 7.25 14.29 11.51
C ALA A 66 5.98 13.81 10.81
N GLN A 67 5.99 12.58 10.32
CA GLN A 67 4.83 12.03 9.63
C GLN A 67 3.77 11.48 10.59
N MET A 68 4.05 11.38 11.88
CA MET A 68 3.09 10.81 12.82
C MET A 68 2.25 11.89 13.47
N SER A 69 1.06 11.49 13.93
CA SER A 69 0.18 12.34 14.72
C SER A 69 0.17 11.86 16.17
N VAL A 70 -0.21 12.76 17.06
CA VAL A 70 -0.18 12.45 18.48
C VAL A 70 -1.02 11.22 18.76
N GLY A 71 -0.46 10.28 19.53
CA GLY A 71 -1.11 9.03 19.85
C GLY A 71 -0.70 7.86 18.98
N GLN A 72 -0.09 8.13 17.82
CA GLN A 72 0.23 7.09 16.88
C GLN A 72 1.41 6.25 17.35
N ARG A 73 1.32 4.95 17.09
CA ARG A 73 2.44 4.05 17.29
C ARG A 73 2.75 3.48 15.90
N ALA A 74 4.03 3.47 15.53
CA ALA A 74 4.39 3.06 14.19
C ALA A 74 5.75 2.37 14.21
N LYS A 75 5.99 1.58 13.17
CA LYS A 75 7.30 0.98 12.96
C LYS A 75 8.02 1.81 11.91
N LEU A 76 9.20 2.32 12.26
CA LEU A 76 10.00 3.08 11.32
C LEU A 76 11.14 2.17 10.87
N THR A 77 11.26 1.97 9.56
CA THR A 77 12.38 1.22 8.99
C THR A 77 13.23 2.22 8.22
N ILE A 78 14.51 2.32 8.61
CA ILE A 78 15.35 3.44 8.23
C ILE A 78 16.61 2.87 7.56
N SER A 79 16.89 3.35 6.36
CA SER A 79 18.05 2.93 5.61
C SER A 79 19.32 3.55 6.20
N PRO A 80 20.49 2.96 5.93
CA PRO A 80 21.72 3.47 6.54
C PRO A 80 21.96 4.94 6.22
N ASP A 81 21.61 5.39 5.01
CA ASP A 81 21.80 6.80 4.67
C ASP A 81 20.97 7.73 5.55
N TYR A 82 19.86 7.24 6.08
CA TYR A 82 19.03 8.05 6.97
C TYR A 82 19.31 7.73 8.43
N ALA A 83 20.35 6.95 8.68
CA ALA A 83 20.75 6.52 10.01
C ALA A 83 22.24 6.80 10.20
N TYR A 84 23.01 5.77 10.56
CA TYR A 84 24.41 5.93 10.89
C TYR A 84 25.36 5.52 9.75
N GLY A 85 24.85 5.17 8.57
CA GLY A 85 25.63 5.08 7.35
C GLY A 85 26.78 4.08 7.44
N ALA A 86 27.87 4.42 6.73
CA ALA A 86 29.02 3.53 6.62
C ALA A 86 29.78 3.42 7.94
N THR A 87 29.82 4.50 8.72
CA THR A 87 30.54 4.48 9.99
C THR A 87 29.84 3.62 11.04
N GLY A 88 28.51 3.58 11.01
CA GLY A 88 27.76 3.02 12.11
C GLY A 88 27.94 3.84 13.37
N HIS A 89 27.69 3.19 14.50
CA HIS A 89 27.91 3.75 15.83
C HIS A 89 28.76 2.77 16.63
N PRO A 90 30.08 2.96 16.66
CA PRO A 90 31.00 1.90 17.09
C PRO A 90 30.55 1.20 18.37
N GLY A 91 30.48 -0.13 18.30
CA GLY A 91 30.10 -0.98 19.41
C GLY A 91 28.61 -1.09 19.64
N ILE A 92 27.78 -0.29 18.94
CA ILE A 92 26.33 -0.32 19.10
C ILE A 92 25.61 -0.65 17.80
N ILE A 93 25.97 0.04 16.72
CA ILE A 93 25.35 -0.12 15.41
C ILE A 93 26.43 -0.43 14.39
N PRO A 94 26.34 -1.57 13.69
CA PRO A 94 27.39 -1.94 12.72
C PRO A 94 27.36 -1.04 11.51
N PRO A 95 28.42 -1.06 10.69
CA PRO A 95 28.40 -0.30 9.43
C PRO A 95 27.25 -0.74 8.54
N HIS A 96 26.71 0.22 7.80
CA HIS A 96 25.72 -0.02 6.73
C HIS A 96 24.45 -0.69 7.26
N ALA A 97 23.98 -0.27 8.43
CA ALA A 97 22.89 -0.96 9.10
C ALA A 97 21.54 -0.30 8.83
N THR A 98 20.57 -1.11 8.43
CA THR A 98 19.16 -0.71 8.44
C THR A 98 18.62 -0.86 9.85
N LEU A 99 17.89 0.15 10.31
CA LEU A 99 17.41 0.16 11.69
C LEU A 99 15.89 0.03 11.68
N VAL A 100 15.35 -0.61 12.72
CA VAL A 100 13.91 -0.74 12.90
C VAL A 100 13.56 -0.22 14.28
N PHE A 101 12.71 0.79 14.34
CA PHE A 101 12.26 1.35 15.60
C PHE A 101 10.75 1.14 15.71
N ASP A 102 10.30 0.77 16.89
CA ASP A 102 8.89 0.83 17.26
C ASP A 102 8.73 2.12 18.04
N VAL A 103 7.95 3.06 17.50
CA VAL A 103 7.87 4.40 18.08
C VAL A 103 6.42 4.73 18.37
N GLU A 104 6.17 5.27 19.55
CA GLU A 104 4.86 5.77 19.93
C GLU A 104 5.01 7.25 20.24
N LEU A 105 4.27 8.09 19.51
CA LEU A 105 4.31 9.54 19.77
C LEU A 105 3.33 9.80 20.90
N LEU A 106 3.84 10.08 22.10
CA LEU A 106 2.92 10.13 23.23
C LEU A 106 2.28 11.51 23.34
N LYS A 107 3.02 12.58 23.06
CA LYS A 107 2.58 13.93 23.36
C LYS A 107 3.58 14.91 22.75
N LEU A 108 3.10 16.12 22.47
CA LEU A 108 3.93 17.25 22.10
C LEU A 108 3.94 18.27 23.22
N GLU A 109 5.13 18.82 23.51
CA GLU A 109 5.30 19.89 24.49
C GLU A 109 6.05 21.07 23.88
N SER B 1 -1.72 -8.69 17.41
CA SER B 1 -2.93 -8.04 17.93
C SER B 1 -4.17 -8.80 17.49
N MET B 2 -5.28 -8.59 18.20
CA MET B 2 -6.51 -9.31 17.86
C MET B 2 -7.22 -8.74 16.64
N GLY B 3 -6.85 -7.57 16.18
CA GLY B 3 -7.34 -7.06 14.90
C GLY B 3 -8.85 -6.96 14.88
N VAL B 4 -9.47 -7.63 13.93
CA VAL B 4 -10.93 -7.62 13.83
C VAL B 4 -11.37 -9.03 13.51
N GLN B 5 -12.36 -9.49 14.25
CA GLN B 5 -13.05 -10.75 14.03
C GLN B 5 -14.47 -10.51 13.56
N VAL B 6 -14.88 -11.31 12.57
CA VAL B 6 -16.19 -11.21 11.94
C VAL B 6 -16.88 -12.51 12.31
N GLU B 7 -18.00 -12.38 13.00
CA GLU B 7 -18.85 -13.50 13.38
C GLU B 7 -20.22 -13.35 12.73
N THR B 8 -20.64 -14.37 11.99
CA THR B 8 -21.88 -14.22 11.25
C THR B 8 -23.06 -14.34 12.20
N ILE B 9 -23.98 -13.38 12.13
CA ILE B 9 -25.26 -13.43 12.85
C ILE B 9 -26.34 -14.03 11.98
N SER B 10 -26.41 -13.59 10.73
CA SER B 10 -27.26 -14.24 9.80
C SER B 10 -26.56 -14.12 8.46
N PRO B 11 -26.66 -15.14 7.62
CA PRO B 11 -25.84 -15.21 6.41
C PRO B 11 -26.30 -14.30 5.28
N GLY B 12 -25.31 -13.85 4.53
CA GLY B 12 -25.49 -13.25 3.22
C GLY B 12 -25.45 -14.32 2.15
N ASP B 13 -25.48 -13.88 0.90
CA ASP B 13 -25.50 -14.87 -0.17
C ASP B 13 -24.18 -15.63 -0.30
N GLY B 14 -23.11 -15.19 0.37
CA GLY B 14 -21.83 -15.89 0.30
C GLY B 14 -21.18 -15.91 -1.06
N ARG B 15 -21.55 -14.99 -1.95
CA ARG B 15 -20.97 -14.88 -3.30
C ARG B 15 -20.74 -13.45 -3.76
N THR B 16 -21.50 -12.46 -3.30
CA THR B 16 -21.36 -11.04 -3.66
C THR B 16 -20.57 -10.29 -2.60
N PHE B 17 -19.25 -10.11 -2.81
CA PHE B 17 -18.39 -9.42 -1.85
C PHE B 17 -17.99 -8.06 -2.40
N PRO B 18 -17.85 -7.02 -1.55
CA PRO B 18 -17.56 -5.67 -2.09
C PRO B 18 -16.13 -5.56 -2.58
N LYS B 19 -15.98 -4.91 -3.72
CA LYS B 19 -14.63 -4.67 -4.22
C LYS B 19 -14.25 -3.21 -4.01
N ARG B 20 -12.95 -2.92 -4.24
CA ARG B 20 -12.44 -1.56 -4.05
C ARG B 20 -13.10 -0.61 -5.05
N GLY B 21 -13.63 0.49 -4.54
CA GLY B 21 -14.35 1.44 -5.36
C GLY B 21 -15.84 1.23 -5.41
N GLN B 22 -16.37 0.22 -4.72
CA GLN B 22 -17.80 0.05 -4.62
C GLN B 22 -18.28 0.71 -3.34
N THR B 23 -19.53 1.15 -3.36
CA THR B 23 -20.12 1.77 -2.20
C THR B 23 -20.87 0.70 -1.40
N CYS B 24 -20.53 0.59 -0.13
CA CYS B 24 -21.23 -0.34 0.74
C CYS B 24 -22.34 0.40 1.46
N VAL B 25 -23.54 -0.16 1.44
CA VAL B 25 -24.67 0.42 2.14
C VAL B 25 -24.94 -0.51 3.31
N VAL B 26 -24.82 0.02 4.52
CA VAL B 26 -24.89 -0.80 5.72
C VAL B 26 -25.80 -0.16 6.73
N HIS B 27 -26.37 -1.00 7.58
CA HIS B 27 -26.96 -0.57 8.84
C HIS B 27 -26.06 -1.11 9.95
N TYR B 28 -25.82 -0.29 10.97
CA TYR B 28 -24.89 -0.71 12.01
C TYR B 28 -25.38 -0.22 13.36
N THR B 29 -24.94 -0.93 14.41
CA THR B 29 -24.97 -0.43 15.78
C THR B 29 -23.58 -0.61 16.35
N GLY B 30 -23.03 0.45 16.94
CA GLY B 30 -21.70 0.40 17.54
C GLY B 30 -21.80 0.45 19.06
N MET B 31 -21.16 -0.49 19.73
CA MET B 31 -21.10 -0.47 21.18
C MET B 31 -19.66 -0.64 21.68
N LEU B 32 -19.41 -0.14 22.88
CA LEU B 32 -18.19 -0.45 23.61
C LEU B 32 -18.25 -1.89 24.12
N GLU B 33 -17.10 -2.35 24.63
CA GLU B 33 -16.94 -3.75 25.05
C GLU B 33 -17.95 -4.15 26.11
N ASP B 34 -18.36 -3.21 26.95
CA ASP B 34 -19.29 -3.50 28.03
C ASP B 34 -20.74 -3.43 27.59
N GLY B 35 -20.99 -3.15 26.30
CA GLY B 35 -22.33 -3.13 25.75
C GLY B 35 -22.94 -1.76 25.60
N LYS B 36 -22.33 -0.73 26.17
CA LYS B 36 -22.88 0.62 26.02
C LYS B 36 -22.86 1.06 24.55
N LYS B 37 -24.02 1.47 24.05
CA LYS B 37 -24.14 1.94 22.68
C LYS B 37 -23.56 3.34 22.54
N PHE B 38 -22.79 3.55 21.47
CA PHE B 38 -22.34 4.90 21.11
C PHE B 38 -22.94 5.46 19.82
N ASP B 39 -23.46 4.63 18.93
CA ASP B 39 -24.09 5.13 17.72
C ASP B 39 -24.82 3.98 17.05
N SER B 40 -25.81 4.35 16.23
CA SER B 40 -26.51 3.38 15.41
C SER B 40 -27.17 4.07 14.23
N SER B 41 -26.91 3.57 13.02
CA SER B 41 -27.66 4.07 11.88
C SER B 41 -29.13 3.64 11.96
N ARG B 42 -29.41 2.49 12.59
CA ARG B 42 -30.80 2.08 12.70
C ARG B 42 -31.58 3.06 13.55
N ASP B 43 -30.94 3.66 14.55
CA ASP B 43 -31.62 4.66 15.36
C ASP B 43 -31.98 5.88 14.52
N ARG B 44 -31.29 6.11 13.39
CA ARG B 44 -31.60 7.25 12.53
C ARG B 44 -32.40 6.85 11.31
N ASN B 45 -32.78 5.57 11.19
CA ASN B 45 -33.61 5.11 10.08
C ASN B 45 -33.00 5.44 8.72
N LYS B 46 -31.67 5.43 8.66
CA LYS B 46 -30.97 5.81 7.43
C LYS B 46 -29.68 5.00 7.37
N PRO B 47 -29.55 4.13 6.37
CA PRO B 47 -28.33 3.34 6.24
C PRO B 47 -27.12 4.24 5.99
N PHE B 48 -25.95 3.75 6.38
CA PHE B 48 -24.67 4.40 6.12
C PHE B 48 -23.98 3.92 4.85
N LYS B 49 -23.40 4.85 4.10
CA LYS B 49 -22.70 4.50 2.87
C LYS B 49 -21.25 4.94 2.99
N PHE B 50 -20.35 4.08 2.51
CA PHE B 50 -18.94 4.40 2.42
C PHE B 50 -18.36 3.58 1.29
N MET B 51 -17.26 4.04 0.73
CA MET B 51 -16.65 3.37 -0.41
C MET B 51 -15.38 2.67 0.05
N LEU B 52 -15.21 1.39 -0.32
CA LEU B 52 -13.98 0.71 0.07
C LEU B 52 -12.81 1.29 -0.70
N GLY B 53 -11.66 1.36 -0.03
CA GLY B 53 -10.45 1.84 -0.68
C GLY B 53 -10.23 3.33 -0.65
N LYS B 54 -10.94 4.07 0.20
CA LYS B 54 -10.94 5.53 0.19
C LYS B 54 -10.64 6.10 1.56
N GLN B 55 -10.12 5.28 2.47
CA GLN B 55 -9.76 5.71 3.80
C GLN B 55 -10.91 6.38 4.54
N GLU B 56 -12.16 5.94 4.31
CA GLU B 56 -13.29 6.61 4.91
C GLU B 56 -13.60 6.08 6.32
N VAL B 57 -13.10 4.90 6.68
CA VAL B 57 -13.49 4.26 7.94
C VAL B 57 -12.27 3.65 8.62
N ILE B 58 -12.42 3.40 9.92
CA ILE B 58 -11.45 2.71 10.75
C ILE B 58 -11.09 1.36 10.14
N ARG B 59 -9.86 0.91 10.40
CA ARG B 59 -9.32 -0.26 9.71
C ARG B 59 -10.13 -1.53 9.97
N GLY B 60 -10.71 -1.66 11.15
CA GLY B 60 -11.52 -2.83 11.39
C GLY B 60 -12.74 -2.91 10.52
N TRP B 61 -13.31 -1.75 10.14
CA TRP B 61 -14.39 -1.76 9.17
C TRP B 61 -13.88 -2.04 7.77
N GLU B 62 -12.78 -1.37 7.38
CA GLU B 62 -12.20 -1.58 6.05
C GLU B 62 -11.97 -3.07 5.78
N GLU B 63 -11.32 -3.77 6.73
CA GLU B 63 -11.02 -5.19 6.54
C GLU B 63 -12.20 -6.08 6.90
N GLY B 64 -13.01 -5.67 7.88
CA GLY B 64 -14.13 -6.48 8.32
C GLY B 64 -15.29 -6.53 7.34
N VAL B 65 -15.70 -5.37 6.82
CA VAL B 65 -16.80 -5.34 5.87
C VAL B 65 -16.42 -6.03 4.57
N ALA B 66 -15.13 -5.95 4.20
CA ALA B 66 -14.65 -6.61 2.98
C ALA B 66 -14.91 -8.11 3.01
N GLN B 67 -14.98 -8.68 4.21
CA GLN B 67 -15.23 -10.10 4.35
C GLN B 67 -16.71 -10.47 4.26
N MET B 68 -17.63 -9.51 4.24
CA MET B 68 -19.05 -9.88 4.22
C MET B 68 -19.62 -9.93 2.81
N SER B 69 -20.69 -10.71 2.65
CA SER B 69 -21.42 -10.74 1.40
C SER B 69 -22.76 -10.05 1.56
N VAL B 70 -23.33 -9.61 0.42
CA VAL B 70 -24.57 -8.86 0.46
C VAL B 70 -25.64 -9.69 1.16
N GLY B 71 -26.36 -9.05 2.09
CA GLY B 71 -27.35 -9.71 2.89
C GLY B 71 -26.86 -10.15 4.24
N GLN B 72 -25.54 -10.23 4.43
CA GLN B 72 -24.99 -10.75 5.67
C GLN B 72 -25.15 -9.76 6.81
N ARG B 73 -25.42 -10.30 7.98
CA ARG B 73 -25.38 -9.51 9.20
C ARG B 73 -24.31 -10.13 10.07
N ALA B 74 -23.44 -9.30 10.63
CA ALA B 74 -22.33 -9.87 11.39
C ALA B 74 -21.96 -8.97 12.53
N LYS B 75 -21.32 -9.57 13.51
CA LYS B 75 -20.75 -8.84 14.63
C LYS B 75 -19.26 -8.69 14.40
N LEU B 76 -18.81 -7.44 14.41
CA LEU B 76 -17.40 -7.12 14.23
C LEU B 76 -16.85 -6.74 15.60
N THR B 77 -15.81 -7.44 16.03
CA THR B 77 -15.14 -7.07 17.27
C THR B 77 -13.76 -6.55 16.90
N ILE B 78 -13.48 -5.31 17.27
CA ILE B 78 -12.35 -4.61 16.68
C ILE B 78 -11.47 -4.10 17.81
N SER B 79 -10.19 -4.45 17.73
CA SER B 79 -9.22 -4.00 18.71
C SER B 79 -8.86 -2.53 18.50
N PRO B 80 -8.33 -1.86 19.53
CA PRO B 80 -8.06 -0.41 19.43
C PRO B 80 -7.12 -0.03 18.30
N ASP B 81 -6.12 -0.86 18.01
CA ASP B 81 -5.20 -0.55 16.91
C ASP B 81 -5.91 -0.52 15.58
N TYR B 82 -7.03 -1.22 15.47
CA TYR B 82 -7.86 -1.24 14.27
C TYR B 82 -9.04 -0.29 14.40
N ALA B 83 -9.04 0.55 15.42
CA ALA B 83 -10.08 1.52 15.72
C ALA B 83 -9.45 2.89 15.93
N TYR B 84 -9.71 3.47 17.10
CA TYR B 84 -9.28 4.82 17.43
C TYR B 84 -8.06 4.87 18.35
N GLY B 85 -7.44 3.73 18.65
CA GLY B 85 -6.12 3.73 19.26
C GLY B 85 -6.14 4.47 20.59
N ALA B 86 -5.02 5.12 20.89
CA ALA B 86 -4.85 5.79 22.17
C ALA B 86 -5.74 7.02 22.27
N THR B 87 -5.99 7.68 21.15
CA THR B 87 -6.79 8.90 21.18
C THR B 87 -8.25 8.63 21.49
N GLY B 88 -8.78 7.51 21.01
CA GLY B 88 -10.21 7.39 21.08
C GLY B 88 -10.89 8.41 20.20
N HIS B 89 -12.14 8.69 20.55
CA HIS B 89 -12.92 9.73 19.91
C HIS B 89 -13.51 10.64 20.96
N PRO B 90 -12.85 11.77 21.27
CA PRO B 90 -13.13 12.52 22.49
C PRO B 90 -14.62 12.71 22.71
N GLY B 91 -15.07 12.33 23.90
CA GLY B 91 -16.45 12.47 24.30
C GLY B 91 -17.37 11.38 23.80
N ILE B 92 -16.90 10.51 22.91
CA ILE B 92 -17.72 9.43 22.36
C ILE B 92 -17.11 8.06 22.62
N ILE B 93 -15.82 7.89 22.30
CA ILE B 93 -15.12 6.63 22.48
C ILE B 93 -13.85 6.81 23.32
N PRO B 94 -13.73 6.13 24.45
CA PRO B 94 -12.58 6.34 25.33
C PRO B 94 -11.28 5.83 24.72
N PRO B 95 -10.15 6.23 25.29
CA PRO B 95 -8.85 5.68 24.85
C PRO B 95 -8.78 4.16 24.98
N HIS B 96 -8.06 3.54 24.03
CA HIS B 96 -7.68 2.13 24.06
C HIS B 96 -8.90 1.21 24.07
N ALA B 97 -9.93 1.56 23.30
CA ALA B 97 -11.21 0.87 23.37
C ALA B 97 -11.34 -0.20 22.29
N THR B 98 -11.72 -1.40 22.70
CA THR B 98 -12.20 -2.43 21.78
C THR B 98 -13.65 -2.11 21.46
N LEU B 99 -14.00 -2.17 20.18
CA LEU B 99 -15.32 -1.79 19.73
C LEU B 99 -16.03 -3.03 19.19
N VAL B 100 -17.35 -3.04 19.32
CA VAL B 100 -18.18 -4.10 18.78
C VAL B 100 -19.26 -3.47 17.91
N PHE B 101 -19.29 -3.83 16.64
CA PHE B 101 -20.32 -3.33 15.74
C PHE B 101 -21.14 -4.52 15.30
N ASP B 102 -22.46 -4.30 15.27
CA ASP B 102 -23.40 -5.18 14.63
C ASP B 102 -23.65 -4.55 13.27
N VAL B 103 -23.25 -5.23 12.20
CA VAL B 103 -23.27 -4.66 10.87
C VAL B 103 -24.06 -5.54 9.92
N GLU B 104 -24.91 -4.92 9.12
CA GLU B 104 -25.63 -5.62 8.06
C GLU B 104 -25.29 -4.99 6.72
N LEU B 105 -24.77 -5.81 5.80
CA LEU B 105 -24.46 -5.38 4.44
C LEU B 105 -25.73 -5.49 3.62
N LEU B 106 -26.34 -4.34 3.33
CA LEU B 106 -27.65 -4.32 2.70
C LEU B 106 -27.56 -4.42 1.19
N LYS B 107 -26.54 -3.82 0.58
CA LYS B 107 -26.47 -3.57 -0.85
C LYS B 107 -25.08 -3.07 -1.20
N LEU B 108 -24.69 -3.31 -2.45
CA LEU B 108 -23.51 -2.68 -3.04
C LEU B 108 -24.04 -1.69 -4.07
N GLU B 109 -23.45 -0.51 -4.09
CA GLU B 109 -23.80 0.52 -5.04
C GLU B 109 -22.62 1.08 -5.84
N MET C 2 5.81 15.56 5.05
CA MET C 2 6.85 15.38 4.04
C MET C 2 7.06 16.63 3.23
N GLY C 3 8.32 16.94 2.98
CA GLY C 3 8.65 18.03 2.09
C GLY C 3 8.39 17.65 0.65
N VAL C 4 8.80 16.45 0.27
CA VAL C 4 8.60 15.94 -1.09
C VAL C 4 8.16 14.49 -1.01
N GLN C 5 7.13 14.15 -1.77
CA GLN C 5 6.65 12.79 -1.93
C GLN C 5 6.96 12.32 -3.33
N VAL C 6 7.47 11.09 -3.45
CA VAL C 6 7.85 10.57 -4.76
C VAL C 6 6.93 9.39 -5.05
N GLU C 7 6.18 9.48 -6.13
CA GLU C 7 5.32 8.41 -6.61
C GLU C 7 5.80 7.96 -7.98
N THR C 8 6.08 6.66 -8.13
CA THR C 8 6.66 6.18 -9.38
C THR C 8 5.61 6.08 -10.47
N ILE C 9 5.93 6.63 -11.64
CA ILE C 9 5.14 6.48 -12.86
C ILE C 9 5.62 5.34 -13.73
N SER C 10 6.94 5.25 -13.91
CA SER C 10 7.55 4.12 -14.58
C SER C 10 8.91 3.87 -13.96
N PRO C 11 9.32 2.62 -13.86
CA PRO C 11 10.50 2.29 -13.06
C PRO C 11 11.80 2.63 -13.75
N GLY C 12 12.78 2.99 -12.91
CA GLY C 12 14.17 3.08 -13.31
C GLY C 12 14.85 1.75 -13.10
N ASP C 13 16.17 1.74 -13.32
CA ASP C 13 16.95 0.51 -13.23
C ASP C 13 17.10 0.03 -11.79
N GLY C 14 16.72 0.86 -10.82
CA GLY C 14 16.81 0.50 -9.42
C GLY C 14 18.19 0.29 -8.83
N ARG C 15 19.24 0.79 -9.47
CA ARG C 15 20.60 0.66 -8.92
C ARG C 15 21.47 1.90 -9.13
N THR C 16 21.24 2.68 -10.18
CA THR C 16 21.99 3.89 -10.50
C THR C 16 21.27 5.12 -9.97
N PHE C 17 21.66 5.58 -8.78
CA PHE C 17 21.08 6.74 -8.12
C PHE C 17 22.08 7.88 -8.16
N PRO C 18 21.66 9.14 -8.29
CA PRO C 18 22.64 10.22 -8.44
C PRO C 18 23.37 10.55 -7.15
N LYS C 19 24.69 10.76 -7.28
CA LYS C 19 25.58 11.18 -6.21
C LYS C 19 25.99 12.65 -6.37
N ARG C 20 26.48 13.21 -5.26
CA ARG C 20 26.98 14.58 -5.27
CA ARG C 20 27.01 14.57 -5.24
C ARG C 20 27.91 14.82 -6.45
N GLY C 21 27.68 15.93 -7.13
CA GLY C 21 28.56 16.31 -8.21
C GLY C 21 28.27 15.68 -9.55
N GLN C 22 27.25 14.83 -9.64
CA GLN C 22 26.89 14.30 -10.93
C GLN C 22 25.79 15.19 -11.51
N THR C 23 25.74 15.25 -12.84
CA THR C 23 24.72 16.02 -13.53
C THR C 23 23.54 15.12 -13.87
N CYS C 24 22.35 15.54 -13.45
CA CYS C 24 21.12 14.83 -13.76
C CYS C 24 20.52 15.46 -15.00
N VAL C 25 20.13 14.64 -15.97
CA VAL C 25 19.50 15.11 -17.18
C VAL C 25 18.05 14.64 -17.11
N VAL C 26 17.12 15.59 -17.08
CA VAL C 26 15.72 15.26 -16.84
C VAL C 26 14.83 15.95 -17.86
N HIS C 27 13.68 15.35 -18.11
CA HIS C 27 12.57 16.05 -18.72
C HIS C 27 11.50 16.22 -17.66
N TYR C 28 10.86 17.38 -17.61
CA TYR C 28 9.91 17.65 -16.54
C TYR C 28 8.72 18.46 -17.06
N THR C 29 7.60 18.33 -16.35
CA THR C 29 6.49 19.26 -16.42
C THR C 29 6.12 19.71 -15.01
N GLY C 30 6.01 21.01 -14.79
CA GLY C 30 5.64 21.56 -13.50
C GLY C 30 4.23 22.11 -13.53
N MET C 31 3.42 21.69 -12.57
CA MET C 31 2.08 22.20 -12.40
C MET C 31 1.83 22.65 -10.96
N LEU C 32 0.90 23.59 -10.81
CA LEU C 32 0.38 23.90 -9.49
C LEU C 32 -0.53 22.77 -9.01
N GLU C 33 -0.91 22.85 -7.73
CA GLU C 33 -1.67 21.76 -7.10
C GLU C 33 -2.98 21.49 -7.83
N ASP C 34 -3.57 22.50 -8.44
CA ASP C 34 -4.84 22.40 -9.13
C ASP C 34 -4.72 21.93 -10.58
N GLY C 35 -3.50 21.62 -11.04
CA GLY C 35 -3.27 21.06 -12.36
C GLY C 35 -2.80 22.04 -13.42
N LYS C 36 -2.85 23.35 -13.16
CA LYS C 36 -2.37 24.33 -14.12
C LYS C 36 -0.86 24.22 -14.38
N LYS C 37 -0.48 24.13 -15.65
CA LYS C 37 0.93 24.07 -16.01
C LYS C 37 1.58 25.44 -15.89
N PHE C 38 2.78 25.49 -15.31
CA PHE C 38 3.62 26.68 -15.31
C PHE C 38 4.91 26.56 -16.14
N ASP C 39 5.39 25.34 -16.45
CA ASP C 39 6.57 25.18 -17.30
C ASP C 39 6.73 23.71 -17.69
N SER C 40 7.47 23.48 -18.78
CA SER C 40 7.82 22.13 -19.21
C SER C 40 9.06 22.16 -20.10
N SER C 41 10.06 21.34 -19.74
CA SER C 41 11.21 21.18 -20.63
C SER C 41 10.85 20.46 -21.91
N ARG C 42 9.81 19.62 -21.90
CA ARG C 42 9.42 18.95 -23.13
C ARG C 42 8.94 19.94 -24.19
N ASP C 43 8.32 21.03 -23.76
CA ASP C 43 7.86 22.08 -24.66
C ASP C 43 9.03 22.76 -25.38
N ARG C 44 10.23 22.69 -24.84
CA ARG C 44 11.37 23.30 -25.48
C ARG C 44 12.24 22.29 -26.20
N ASN C 45 11.82 21.02 -26.21
CA ASN C 45 12.53 19.95 -26.90
C ASN C 45 13.97 19.86 -26.41
N LYS C 46 14.19 20.17 -25.14
CA LYS C 46 15.54 20.20 -24.61
C LYS C 46 15.48 19.83 -23.14
N PRO C 47 16.14 18.74 -22.74
CA PRO C 47 16.12 18.35 -21.33
C PRO C 47 16.79 19.39 -20.45
N PHE C 48 16.40 19.39 -19.18
CA PHE C 48 17.03 20.22 -18.16
C PHE C 48 18.14 19.48 -17.43
N LYS C 49 19.24 20.21 -17.19
CA LYS C 49 20.40 19.65 -16.50
C LYS C 49 20.71 20.46 -15.27
N PHE C 50 21.07 19.75 -14.21
CA PHE C 50 21.52 20.39 -12.99
C PHE C 50 22.46 19.40 -12.31
N MET C 51 23.36 19.92 -11.49
CA MET C 51 24.34 19.07 -10.83
C MET C 51 23.92 18.93 -9.38
N LEU C 52 23.88 17.69 -8.89
CA LEU C 52 23.47 17.47 -7.51
C LEU C 52 24.52 18.01 -6.57
N GLY C 53 24.06 18.60 -5.47
CA GLY C 53 24.98 19.08 -4.47
C GLY C 53 25.48 20.48 -4.75
N LYS C 54 24.84 21.24 -5.64
CA LYS C 54 25.41 22.50 -6.12
C LYS C 54 24.44 23.64 -5.92
N GLN C 55 23.42 23.41 -5.10
CA GLN C 55 22.42 24.38 -4.69
C GLN C 55 21.70 25.03 -5.88
N GLU C 56 21.52 24.27 -6.96
CA GLU C 56 20.94 24.78 -8.20
C GLU C 56 19.41 24.70 -8.25
N VAL C 57 18.77 23.91 -7.40
CA VAL C 57 17.34 23.66 -7.51
C VAL C 57 16.69 23.67 -6.12
N ILE C 58 15.38 23.84 -6.13
CA ILE C 58 14.54 23.76 -4.94
C ILE C 58 14.73 22.44 -4.19
N ARG C 59 14.56 22.49 -2.88
CA ARG C 59 14.92 21.35 -2.03
C ARG C 59 14.09 20.12 -2.38
N GLY C 60 12.84 20.30 -2.81
CA GLY C 60 12.06 19.14 -3.19
C GLY C 60 12.60 18.41 -4.40
N TRP C 61 13.26 19.13 -5.33
CA TRP C 61 13.96 18.46 -6.42
C TRP C 61 15.27 17.83 -5.96
N GLU C 62 16.05 18.58 -5.19
CA GLU C 62 17.31 18.06 -4.65
C GLU C 62 17.11 16.71 -3.96
N GLU C 63 16.13 16.63 -3.06
CA GLU C 63 15.91 15.39 -2.32
C GLU C 63 15.09 14.39 -3.12
N GLY C 64 14.17 14.87 -3.96
CA GLY C 64 13.33 13.97 -4.73
C GLY C 64 14.06 13.28 -5.87
N VAL C 65 14.84 14.03 -6.65
CA VAL C 65 15.55 13.39 -7.74
C VAL C 65 16.62 12.45 -7.19
N ALA C 66 17.20 12.79 -6.04
CA ALA C 66 18.20 11.92 -5.43
C ALA C 66 17.63 10.54 -5.11
N GLN C 67 16.32 10.44 -4.90
CA GLN C 67 15.70 9.16 -4.61
C GLN C 67 15.41 8.34 -5.85
N MET C 68 15.56 8.90 -7.05
CA MET C 68 15.22 8.18 -8.27
C MET C 68 16.44 7.49 -8.87
N SER C 69 16.19 6.45 -9.65
CA SER C 69 17.24 5.79 -10.40
C SER C 69 17.10 6.09 -11.89
N VAL C 70 18.21 5.95 -12.61
CA VAL C 70 18.23 6.30 -14.01
C VAL C 70 17.16 5.53 -14.76
N GLY C 71 16.40 6.23 -15.59
CA GLY C 71 15.29 5.68 -16.33
C GLY C 71 13.93 5.90 -15.71
N GLN C 72 13.91 6.21 -14.43
CA GLN C 72 12.65 6.31 -13.70
C GLN C 72 11.90 7.58 -14.07
N ARG C 73 10.58 7.47 -14.13
CA ARG C 73 9.70 8.62 -14.26
C ARG C 73 8.83 8.63 -13.01
N ALA C 74 8.70 9.79 -12.39
CA ALA C 74 7.99 9.89 -11.12
C ALA C 74 7.28 11.22 -11.00
N LYS C 75 6.29 11.21 -10.12
CA LYS C 75 5.55 12.42 -9.73
C LYS C 75 6.08 12.91 -8.40
N LEU C 76 6.55 14.15 -8.37
CA LEU C 76 7.04 14.76 -7.15
C LEU C 76 6.00 15.76 -6.70
N THR C 77 5.53 15.61 -5.46
CA THR C 77 4.63 16.57 -4.83
C THR C 77 5.42 17.22 -3.72
N ILE C 78 5.53 18.55 -3.80
CA ILE C 78 6.54 19.28 -3.02
C ILE C 78 5.81 20.34 -2.22
N SER C 79 6.05 20.35 -0.91
CA SER C 79 5.44 21.31 -0.03
C SER C 79 6.10 22.68 -0.19
N PRO C 80 5.42 23.75 0.21
CA PRO C 80 5.99 25.09 0.00
C PRO C 80 7.34 25.26 0.66
N ASP C 81 7.55 24.65 1.83
CA ASP C 81 8.86 24.78 2.50
C ASP C 81 9.99 24.18 1.68
N TYR C 82 9.69 23.20 0.83
CA TYR C 82 10.65 22.57 -0.06
C TYR C 82 10.58 23.14 -1.46
N ALA C 83 9.84 24.22 -1.63
CA ALA C 83 9.67 24.87 -2.91
C ALA C 83 9.94 26.36 -2.73
N TYR C 84 8.97 27.19 -3.11
CA TYR C 84 9.19 28.62 -3.09
C TYR C 84 8.58 29.32 -1.87
N GLY C 85 8.02 28.57 -0.92
CA GLY C 85 7.70 29.10 0.40
C GLY C 85 6.74 30.28 0.31
N ALA C 86 6.91 31.21 1.25
CA ALA C 86 6.00 32.36 1.38
C ALA C 86 6.17 33.35 0.22
N THR C 87 7.39 33.48 -0.32
CA THR C 87 7.63 34.43 -1.41
C THR C 87 7.00 33.98 -2.71
N GLY C 88 6.96 32.68 -2.97
CA GLY C 88 6.63 32.19 -4.29
C GLY C 88 7.71 32.62 -5.28
N HIS C 89 7.34 32.65 -6.55
CA HIS C 89 8.19 33.14 -7.63
C HIS C 89 7.43 34.15 -8.46
N PRO C 90 7.58 35.45 -8.19
CA PRO C 90 6.64 36.45 -8.69
C PRO C 90 6.28 36.28 -10.16
N GLY C 91 4.98 36.25 -10.41
CA GLY C 91 4.41 36.09 -11.74
C GLY C 91 4.36 34.67 -12.24
N ILE C 92 4.97 33.72 -11.54
CA ILE C 92 4.98 32.32 -11.97
C ILE C 92 4.34 31.41 -10.93
N ILE C 93 4.79 31.53 -9.66
CA ILE C 93 4.30 30.68 -8.58
C ILE C 93 3.77 31.51 -7.41
N PRO C 94 2.50 31.36 -7.04
CA PRO C 94 1.95 32.18 -5.95
C PRO C 94 2.54 31.80 -4.61
N PRO C 95 2.34 32.64 -3.58
CA PRO C 95 2.77 32.28 -2.22
C PRO C 95 2.12 30.98 -1.74
N HIS C 96 2.89 30.23 -0.95
CA HIS C 96 2.42 29.05 -0.22
C HIS C 96 1.88 27.98 -1.16
N ALA C 97 2.55 27.77 -2.29
CA ALA C 97 2.04 26.90 -3.32
C ALA C 97 2.67 25.51 -3.19
N THR C 98 1.84 24.48 -3.18
CA THR C 98 2.31 23.11 -3.36
C THR C 98 2.49 22.86 -4.86
N LEU C 99 3.61 22.26 -5.24
CA LEU C 99 3.95 22.07 -6.64
C LEU C 99 3.94 20.58 -6.95
N VAL C 100 3.60 20.25 -8.20
CA VAL C 100 3.64 18.89 -8.71
C VAL C 100 4.46 18.85 -9.98
N PHE C 101 5.51 18.04 -9.97
CA PHE C 101 6.34 17.88 -11.15
C PHE C 101 6.24 16.42 -11.60
N ASP C 102 6.16 16.25 -12.90
CA ASP C 102 6.36 14.98 -13.57
C ASP C 102 7.80 15.01 -14.06
N VAL C 103 8.64 14.13 -13.51
CA VAL C 103 10.08 14.17 -13.76
C VAL C 103 10.50 12.82 -14.30
N GLU C 104 11.32 12.83 -15.34
CA GLU C 104 11.92 11.62 -15.84
C GLU C 104 13.43 11.79 -15.76
N LEU C 105 14.10 10.91 -15.02
CA LEU C 105 15.55 10.95 -14.94
C LEU C 105 16.10 10.20 -16.14
N LEU C 106 16.60 10.93 -17.13
CA LEU C 106 16.96 10.30 -18.40
C LEU C 106 18.36 9.70 -18.34
N LYS C 107 19.28 10.36 -17.64
CA LYS C 107 20.69 10.05 -17.74
C LYS C 107 21.44 10.82 -16.66
N LEU C 108 22.58 10.29 -16.25
CA LEU C 108 23.54 11.02 -15.42
C LEU C 108 24.79 11.31 -16.23
N GLU C 109 25.31 12.55 -16.11
CA GLU C 109 26.56 12.94 -16.75
C GLU C 109 27.56 13.54 -15.78
N SER D 1 0.31 2.12 -18.06
CA SER D 1 -0.62 2.91 -18.88
C SER D 1 -1.94 2.15 -18.98
N MET D 2 -1.93 1.13 -19.83
CA MET D 2 -2.89 0.04 -19.73
C MET D 2 -2.57 -0.91 -18.60
N GLY D 3 -1.59 -0.56 -17.75
CA GLY D 3 -1.21 -1.35 -16.59
C GLY D 3 -0.99 -2.82 -16.87
N VAL D 4 -1.85 -3.64 -16.30
CA VAL D 4 -1.77 -5.09 -16.48
C VAL D 4 -3.19 -5.54 -16.71
N GLN D 5 -3.36 -6.36 -17.73
CA GLN D 5 -4.61 -7.02 -18.06
C GLN D 5 -4.50 -8.51 -17.79
N VAL D 6 -5.54 -9.08 -17.17
CA VAL D 6 -5.55 -10.50 -16.80
C VAL D 6 -6.67 -11.12 -17.64
N GLU D 7 -6.31 -12.07 -18.48
CA GLU D 7 -7.26 -12.83 -19.29
C GLU D 7 -7.21 -14.29 -18.91
N THR D 8 -8.37 -14.84 -18.54
CA THR D 8 -8.38 -16.20 -18.06
C THR D 8 -8.25 -17.14 -19.24
N ILE D 9 -7.33 -18.10 -19.13
CA ILE D 9 -7.23 -19.18 -20.12
C ILE D 9 -8.04 -20.40 -19.67
N SER D 10 -7.91 -20.77 -18.41
CA SER D 10 -8.76 -21.76 -17.79
C SER D 10 -8.92 -21.39 -16.34
N PRO D 11 -10.08 -21.64 -15.76
CA PRO D 11 -10.40 -21.10 -14.44
C PRO D 11 -9.72 -21.80 -13.28
N GLY D 12 -9.46 -21.01 -12.24
CA GLY D 12 -9.12 -21.51 -10.93
C GLY D 12 -10.37 -21.75 -10.11
N ASP D 13 -10.18 -22.05 -8.83
CA ASP D 13 -11.35 -22.34 -8.03
C ASP D 13 -12.21 -21.09 -7.80
N GLY D 14 -11.69 -19.91 -8.14
CA GLY D 14 -12.44 -18.68 -7.97
C GLY D 14 -12.75 -18.32 -6.54
N ARG D 15 -12.02 -18.87 -5.59
CA ARG D 15 -12.20 -18.55 -4.18
C ARG D 15 -10.91 -18.44 -3.37
N THR D 16 -9.84 -19.14 -3.72
CA THR D 16 -8.57 -19.07 -2.98
C THR D 16 -7.60 -18.10 -3.66
N PHE D 17 -7.57 -16.85 -3.17
CA PHE D 17 -6.71 -15.80 -3.74
C PHE D 17 -5.55 -15.49 -2.80
N PRO D 18 -4.36 -15.17 -3.32
CA PRO D 18 -3.21 -14.97 -2.42
C PRO D 18 -3.30 -13.65 -1.67
N LYS D 19 -2.95 -13.71 -0.40
CA LYS D 19 -2.86 -12.54 0.47
C LYS D 19 -1.39 -12.18 0.69
N ARG D 20 -1.15 -10.95 1.15
CA ARG D 20 0.19 -10.49 1.50
C ARG D 20 0.88 -11.45 2.46
N GLY D 21 2.14 -11.77 2.17
CA GLY D 21 2.89 -12.67 3.00
C GLY D 21 2.76 -14.14 2.65
N GLN D 22 1.96 -14.49 1.64
CA GLN D 22 1.88 -15.85 1.17
C GLN D 22 2.85 -16.06 0.01
N THR D 23 3.31 -17.29 -0.14
CA THR D 23 4.19 -17.66 -1.23
C THR D 23 3.36 -18.22 -2.37
N CYS D 24 3.48 -17.64 -3.56
CA CYS D 24 2.78 -18.13 -4.74
C CYS D 24 3.67 -19.09 -5.51
N VAL D 25 3.15 -20.24 -5.89
CA VAL D 25 3.88 -21.21 -6.69
C VAL D 25 3.25 -21.21 -8.08
N VAL D 26 4.04 -20.83 -9.07
CA VAL D 26 3.56 -20.60 -10.44
C VAL D 26 4.46 -21.27 -11.45
N HIS D 27 3.87 -21.59 -12.58
CA HIS D 27 4.58 -21.86 -13.82
C HIS D 27 4.28 -20.72 -14.79
N TYR D 28 5.28 -20.26 -15.54
CA TYR D 28 5.03 -19.11 -16.40
C TYR D 28 5.80 -19.28 -17.69
N THR D 29 5.31 -18.63 -18.75
CA THR D 29 6.11 -18.36 -19.95
C THR D 29 6.02 -16.89 -20.27
N GLY D 30 7.16 -16.23 -20.48
CA GLY D 30 7.20 -14.80 -20.79
C GLY D 30 7.60 -14.55 -22.24
N MET D 31 6.79 -13.76 -22.93
CA MET D 31 7.10 -13.35 -24.29
C MET D 31 7.01 -11.83 -24.46
N LEU D 32 7.74 -11.33 -25.45
CA LEU D 32 7.57 -9.96 -25.91
C LEU D 32 6.26 -9.83 -26.70
N GLU D 33 5.90 -8.57 -27.00
CA GLU D 33 4.61 -8.28 -27.63
C GLU D 33 4.47 -9.01 -28.96
N ASP D 34 5.57 -9.22 -29.66
CA ASP D 34 5.53 -9.87 -30.95
C ASP D 34 5.57 -11.39 -30.86
N GLY D 35 5.63 -11.93 -29.64
CA GLY D 35 5.57 -13.35 -29.41
C GLY D 35 6.90 -14.04 -29.16
N LYS D 36 8.04 -13.40 -29.38
CA LYS D 36 9.30 -14.07 -29.09
C LYS D 36 9.40 -14.34 -27.59
N LYS D 37 9.67 -15.60 -27.25
CA LYS D 37 9.82 -16.01 -25.86
C LYS D 37 11.16 -15.54 -25.30
N PHE D 38 11.13 -15.03 -24.07
CA PHE D 38 12.34 -14.71 -23.34
C PHE D 38 12.62 -15.58 -22.13
N ASP D 39 11.63 -16.26 -21.57
CA ASP D 39 11.89 -17.15 -20.44
C ASP D 39 10.64 -17.99 -20.19
N SER D 40 10.85 -19.13 -19.54
CA SER D 40 9.75 -19.96 -19.10
C SER D 40 10.22 -20.89 -17.99
N SER D 41 9.50 -20.89 -16.86
CA SER D 41 9.79 -21.90 -15.86
C SER D 41 9.39 -23.29 -16.35
N ARG D 42 8.41 -23.40 -17.26
CA ARG D 42 8.06 -24.72 -17.76
C ARG D 42 9.23 -25.32 -18.54
N ASP D 43 10.00 -24.47 -19.22
CA ASP D 43 11.18 -24.95 -19.94
C ASP D 43 12.22 -25.52 -18.98
N ARG D 44 12.17 -25.12 -17.71
CA ARG D 44 13.11 -25.64 -16.73
C ARG D 44 12.48 -26.69 -15.83
N ASN D 45 11.23 -27.05 -16.06
CA ASN D 45 10.58 -28.10 -15.30
C ASN D 45 10.59 -27.81 -13.81
N LYS D 46 10.52 -26.52 -13.44
CA LYS D 46 10.62 -26.15 -12.04
C LYS D 46 9.77 -24.91 -11.84
N PRO D 47 8.71 -25.01 -11.04
CA PRO D 47 7.87 -23.83 -10.80
C PRO D 47 8.63 -22.73 -10.10
N PHE D 48 8.20 -21.50 -10.34
CA PHE D 48 8.73 -20.32 -9.67
C PHE D 48 7.94 -19.96 -8.42
N LYS D 49 8.65 -19.59 -7.37
CA LYS D 49 8.01 -19.22 -6.13
C LYS D 49 8.42 -17.78 -5.80
N PHE D 50 7.46 -17.00 -5.35
CA PHE D 50 7.70 -15.64 -4.87
C PHE D 50 6.60 -15.32 -3.88
N MET D 51 6.90 -14.39 -2.97
CA MET D 51 5.92 -14.03 -1.95
C MET D 51 5.34 -12.66 -2.24
N LEU D 52 4.00 -12.56 -2.20
CA LEU D 52 3.38 -11.26 -2.46
C LEU D 52 3.70 -10.34 -1.31
N GLY D 53 3.90 -9.07 -1.63
CA GLY D 53 4.15 -8.11 -0.59
C GLY D 53 5.60 -7.99 -0.20
N LYS D 54 6.50 -8.50 -1.03
CA LYS D 54 7.89 -8.59 -0.62
C LYS D 54 8.77 -7.92 -1.67
N GLN D 55 8.13 -7.17 -2.57
CA GLN D 55 8.80 -6.40 -3.62
C GLN D 55 9.71 -7.25 -4.50
N GLU D 56 9.35 -8.51 -4.73
CA GLU D 56 10.19 -9.44 -5.48
C GLU D 56 9.98 -9.42 -6.99
N VAL D 57 8.88 -8.87 -7.49
CA VAL D 57 8.57 -8.98 -8.91
C VAL D 57 8.06 -7.64 -9.44
N ILE D 58 8.11 -7.50 -10.76
CA ILE D 58 7.57 -6.34 -11.48
C ILE D 58 6.11 -6.10 -11.09
N ARG D 59 5.69 -4.85 -11.16
CA ARG D 59 4.39 -4.47 -10.63
C ARG D 59 3.25 -5.19 -11.31
N GLY D 60 3.38 -5.50 -12.59
CA GLY D 60 2.33 -6.23 -13.27
C GLY D 60 2.11 -7.62 -12.73
N TRP D 61 3.17 -8.27 -12.23
CA TRP D 61 2.98 -9.55 -11.57
C TRP D 61 2.36 -9.37 -10.19
N GLU D 62 2.87 -8.39 -9.41
CA GLU D 62 2.31 -8.11 -8.10
C GLU D 62 0.80 -7.90 -8.15
N GLU D 63 0.33 -7.06 -9.07
CA GLU D 63 -1.11 -6.80 -9.14
C GLU D 63 -1.87 -7.86 -9.92
N GLY D 64 -1.23 -8.45 -10.93
CA GLY D 64 -1.90 -9.45 -11.74
C GLY D 64 -2.09 -10.78 -11.05
N VAL D 65 -1.04 -11.29 -10.42
CA VAL D 65 -1.15 -12.58 -9.73
C VAL D 65 -2.06 -12.47 -8.51
N ALA D 66 -2.09 -11.32 -7.85
CA ALA D 66 -2.98 -11.14 -6.71
C ALA D 66 -4.44 -11.34 -7.10
N GLN D 67 -4.78 -11.12 -8.38
CA GLN D 67 -6.15 -11.30 -8.85
C GLN D 67 -6.48 -12.74 -9.20
N MET D 68 -5.50 -13.65 -9.24
CA MET D 68 -5.83 -15.01 -9.66
C MET D 68 -6.10 -15.89 -8.44
N SER D 69 -6.88 -16.94 -8.69
CA SER D 69 -7.13 -17.96 -7.69
C SER D 69 -6.40 -19.25 -8.06
N VAL D 70 -6.21 -20.07 -7.03
CA VAL D 70 -5.45 -21.31 -7.18
C VAL D 70 -6.06 -22.17 -8.26
N GLY D 71 -5.21 -22.68 -9.16
CA GLY D 71 -5.64 -23.47 -10.27
C GLY D 71 -5.79 -22.70 -11.55
N GLN D 72 -5.88 -21.37 -11.43
CA GLN D 72 -6.15 -20.53 -12.57
C GLN D 72 -4.95 -20.42 -13.49
N ARG D 73 -5.22 -20.40 -14.79
CA ARG D 73 -4.24 -20.09 -15.80
C ARG D 73 -4.70 -18.82 -16.48
N ALA D 74 -3.80 -17.86 -16.64
CA ALA D 74 -4.22 -16.60 -17.19
C ALA D 74 -3.09 -16.00 -18.02
N LYS D 75 -3.47 -15.14 -18.94
CA LYS D 75 -2.53 -14.36 -19.71
C LYS D 75 -2.47 -12.95 -19.14
N LEU D 76 -1.27 -12.53 -18.77
CA LEU D 76 -1.04 -11.19 -18.24
C LEU D 76 -0.38 -10.37 -19.33
N THR D 77 -0.98 -9.25 -19.69
CA THR D 77 -0.38 -8.32 -20.63
C THR D 77 0.00 -7.08 -19.85
N ILE D 78 1.28 -6.74 -19.88
CA ILE D 78 1.83 -5.80 -18.90
C ILE D 78 2.52 -4.68 -19.65
N SER D 79 2.14 -3.45 -19.35
CA SER D 79 2.72 -2.27 -19.95
C SER D 79 4.11 -1.99 -19.36
N PRO D 80 4.94 -1.22 -20.09
CA PRO D 80 6.32 -1.00 -19.62
C PRO D 80 6.38 -0.36 -18.25
N ASP D 81 5.45 0.53 -17.92
CA ASP D 81 5.44 1.16 -16.59
C ASP D 81 5.23 0.13 -15.49
N TYR D 82 4.57 -0.98 -15.82
CA TYR D 82 4.31 -2.07 -14.89
C TYR D 82 5.31 -3.20 -15.08
N ALA D 83 6.36 -2.97 -15.87
CA ALA D 83 7.41 -3.92 -16.18
C ALA D 83 8.76 -3.27 -15.95
N TYR D 84 9.61 -3.25 -16.99
CA TYR D 84 10.98 -2.77 -16.89
C TYR D 84 11.18 -1.35 -17.44
N GLY D 85 10.13 -0.66 -17.83
CA GLY D 85 10.21 0.77 -18.11
C GLY D 85 11.22 1.07 -19.21
N ALA D 86 11.89 2.21 -19.07
CA ALA D 86 12.80 2.66 -20.12
C ALA D 86 14.04 1.79 -20.17
N THR D 87 14.47 1.25 -19.04
CA THR D 87 15.68 0.45 -19.00
C THR D 87 15.54 -0.90 -19.68
N GLY D 88 14.36 -1.53 -19.59
CA GLY D 88 14.31 -2.91 -19.99
C GLY D 88 15.17 -3.76 -19.05
N HIS D 89 15.59 -4.92 -19.55
CA HIS D 89 16.52 -5.80 -18.84
C HIS D 89 17.65 -6.14 -19.80
N PRO D 90 18.77 -5.43 -19.74
CA PRO D 90 19.74 -5.46 -20.85
C PRO D 90 20.04 -6.87 -21.31
N GLY D 91 19.92 -7.07 -22.62
CA GLY D 91 20.17 -8.33 -23.27
C GLY D 91 19.02 -9.32 -23.22
N ILE D 92 17.97 -9.03 -22.45
CA ILE D 92 16.82 -9.92 -22.31
C ILE D 92 15.52 -9.24 -22.73
N ILE D 93 15.26 -8.04 -22.20
CA ILE D 93 14.06 -7.28 -22.49
C ILE D 93 14.40 -5.89 -22.99
N PRO D 94 13.97 -5.52 -24.18
CA PRO D 94 14.35 -4.21 -24.75
C PRO D 94 13.68 -3.07 -23.99
N PRO D 95 14.16 -1.84 -24.21
CA PRO D 95 13.48 -0.67 -23.63
C PRO D 95 12.02 -0.57 -24.05
N HIS D 96 11.20 -0.09 -23.12
CA HIS D 96 9.80 0.29 -23.38
C HIS D 96 8.96 -0.90 -23.86
N ALA D 97 9.18 -2.07 -23.27
CA ALA D 97 8.55 -3.27 -23.79
C ALA D 97 7.29 -3.61 -23.00
N THR D 98 6.20 -3.85 -23.73
CA THR D 98 5.01 -4.50 -23.18
C THR D 98 5.28 -6.00 -23.14
N LEU D 99 4.96 -6.62 -22.01
CA LEU D 99 5.26 -8.03 -21.82
C LEU D 99 3.98 -8.83 -21.74
N VAL D 100 4.06 -10.08 -22.19
CA VAL D 100 2.94 -11.01 -22.10
C VAL D 100 3.43 -12.26 -21.39
N PHE D 101 2.80 -12.61 -20.29
CA PHE D 101 3.14 -13.81 -19.55
C PHE D 101 1.92 -14.75 -19.56
N ASP D 102 2.19 -16.04 -19.76
CA ASP D 102 1.23 -17.09 -19.52
C ASP D 102 1.54 -17.63 -18.12
N VAL D 103 0.62 -17.45 -17.19
CA VAL D 103 0.89 -17.76 -15.79
C VAL D 103 -0.17 -18.73 -15.31
N GLU D 104 0.27 -19.77 -14.60
CA GLU D 104 -0.63 -20.71 -13.93
C GLU D 104 -0.31 -20.67 -12.45
N LEU D 105 -1.32 -20.34 -11.64
CA LEU D 105 -1.16 -20.31 -10.19
C LEU D 105 -1.36 -21.72 -9.67
N LEU D 106 -0.27 -22.38 -9.28
CA LEU D 106 -0.37 -23.79 -8.93
C LEU D 106 -0.77 -24.01 -7.49
N LYS D 107 -0.32 -23.17 -6.57
CA LYS D 107 -0.47 -23.56 -5.17
C LYS D 107 -0.06 -22.35 -4.35
N LEU D 108 -0.60 -22.24 -3.14
CA LEU D 108 -0.12 -21.29 -2.15
C LEU D 108 0.57 -21.99 -0.99
N GLU D 109 1.70 -21.43 -0.55
CA GLU D 109 2.39 -21.95 0.63
C GLU D 109 2.64 -20.87 1.66
N SER E 14 47.72 -32.77 2.71
CA SER E 14 47.35 -31.36 2.77
C SER E 14 48.58 -30.45 2.83
N THR E 15 48.79 -29.67 1.78
CA THR E 15 49.91 -28.74 1.70
C THR E 15 49.67 -27.54 2.62
N PRO E 16 50.68 -26.70 2.84
CA PRO E 16 50.46 -25.50 3.66
C PRO E 16 49.37 -24.59 3.13
N ILE E 17 49.24 -24.49 1.80
CA ILE E 17 48.21 -23.61 1.23
C ILE E 17 46.83 -24.23 1.40
N GLN E 18 46.71 -25.54 1.22
CA GLN E 18 45.40 -26.17 1.37
C GLN E 18 44.86 -26.00 2.78
N GLN E 19 45.74 -26.09 3.79
CA GLN E 19 45.30 -25.89 5.16
C GLN E 19 44.81 -24.47 5.36
N LEU E 20 45.57 -23.49 4.87
CA LEU E 20 45.22 -22.09 5.09
C LEU E 20 43.90 -21.78 4.39
N LEU E 21 43.74 -22.26 3.15
CA LEU E 21 42.51 -21.96 2.42
C LEU E 21 41.32 -22.65 3.09
N GLU E 22 41.54 -23.84 3.66
CA GLU E 22 40.46 -24.48 4.40
C GLU E 22 40.11 -23.65 5.63
N HIS E 23 41.13 -23.10 6.31
CA HIS E 23 40.87 -22.23 7.45
C HIS E 23 40.04 -21.01 7.03
N PHE E 24 40.48 -20.34 5.95
CA PHE E 24 39.77 -19.15 5.49
C PHE E 24 38.34 -19.51 5.11
N LEU E 25 38.18 -20.64 4.42
CA LEU E 25 36.86 -21.08 4.01
C LEU E 25 35.95 -21.34 5.21
N ARG E 26 36.44 -22.00 6.26
CA ARG E 26 35.59 -22.21 7.42
C ARG E 26 35.22 -20.89 8.09
N GLN E 27 36.15 -19.95 8.15
CA GLN E 27 35.85 -18.65 8.75
C GLN E 27 34.84 -17.89 7.90
N LEU E 28 34.96 -17.99 6.59
CA LEU E 28 34.04 -17.26 5.73
C LEU E 28 32.66 -17.89 5.75
N GLN E 29 32.61 -19.23 5.77
CA GLN E 29 31.33 -19.92 5.78
C GLN E 29 30.61 -19.65 7.09
N ARG E 30 31.35 -19.45 8.18
CA ARG E 30 30.69 -19.11 9.44
C ARG E 30 29.94 -17.79 9.34
N LYS E 31 30.34 -16.92 8.42
CA LYS E 31 29.61 -15.65 8.22
C LYS E 31 28.35 -15.81 7.38
N ASP E 32 28.09 -17.01 6.86
CA ASP E 32 26.91 -17.26 6.04
C ASP E 32 26.15 -18.39 6.74
N PRO E 33 25.60 -18.10 7.92
CA PRO E 33 24.91 -19.16 8.68
C PRO E 33 23.69 -19.71 7.98
N HIS E 34 23.05 -18.96 7.09
CA HIS E 34 21.90 -19.51 6.39
C HIS E 34 22.27 -20.25 5.10
N GLY E 35 23.53 -20.21 4.67
CA GLY E 35 23.93 -20.97 3.50
C GLY E 35 23.47 -20.37 2.20
N PHE E 36 23.37 -19.04 2.14
CA PHE E 36 23.04 -18.34 0.90
C PHE E 36 24.06 -18.59 -0.20
N PHE E 37 25.32 -18.78 0.17
CA PHE E 37 26.41 -19.01 -0.77
C PHE E 37 26.84 -20.46 -0.86
N ALA E 38 26.11 -21.39 -0.22
CA ALA E 38 26.56 -22.78 -0.12
C ALA E 38 26.55 -23.51 -1.45
N PHE E 39 25.58 -23.27 -2.32
CA PHE E 39 25.51 -24.06 -3.54
C PHE E 39 25.25 -23.17 -4.74
N PRO E 40 25.48 -23.67 -5.96
CA PRO E 40 25.24 -22.84 -7.15
C PRO E 40 23.80 -22.35 -7.21
N VAL E 41 23.64 -21.09 -7.62
CA VAL E 41 22.33 -20.48 -7.78
C VAL E 41 21.61 -21.08 -9.01
N THR E 42 20.42 -21.65 -8.82
CA THR E 42 19.77 -22.22 -9.99
C THR E 42 18.81 -21.19 -10.63
N ASP E 43 18.48 -21.45 -11.90
CA ASP E 43 17.53 -20.61 -12.63
C ASP E 43 16.11 -20.72 -12.07
N ALA E 44 15.77 -21.86 -11.46
CA ALA E 44 14.46 -22.03 -10.87
C ALA E 44 14.24 -21.10 -9.69
N ILE E 45 15.29 -20.92 -8.87
CA ILE E 45 15.26 -20.03 -7.71
C ILE E 45 15.48 -18.55 -8.09
N ALA E 46 16.18 -18.30 -9.19
CA ALA E 46 16.57 -16.94 -9.64
C ALA E 46 16.48 -16.82 -11.15
N PRO E 47 15.29 -16.58 -11.67
CA PRO E 47 15.10 -16.53 -13.12
C PRO E 47 16.03 -15.56 -13.84
N GLY E 48 16.66 -16.09 -14.87
CA GLY E 48 17.61 -15.37 -15.68
C GLY E 48 18.99 -15.37 -15.10
N TYR E 49 19.22 -16.09 -14.01
CA TYR E 49 20.52 -16.04 -13.37
C TYR E 49 21.60 -16.38 -14.39
N SER E 50 21.42 -17.49 -15.12
CA SER E 50 22.46 -17.87 -16.07
C SER E 50 22.55 -16.94 -17.28
N MET E 51 21.57 -16.06 -17.49
CA MET E 51 21.65 -15.01 -18.51
C MET E 51 22.48 -13.81 -18.07
N ILE E 52 22.49 -13.52 -16.77
CA ILE E 52 23.18 -12.34 -16.22
C ILE E 52 24.59 -12.69 -15.75
N ILE E 53 24.75 -13.77 -15.00
CA ILE E 53 26.02 -14.14 -14.41
C ILE E 53 26.67 -15.18 -15.32
N LYS E 54 27.85 -14.87 -15.84
CA LYS E 54 28.46 -15.75 -16.83
C LYS E 54 29.39 -16.76 -16.18
N HIS E 55 29.95 -16.44 -15.01
CA HIS E 55 30.89 -17.29 -14.28
C HIS E 55 30.42 -17.47 -12.84
N PRO E 56 29.51 -18.43 -12.60
CA PRO E 56 28.96 -18.61 -11.26
C PRO E 56 30.02 -19.14 -10.29
N MET E 57 29.85 -18.81 -9.02
CA MET E 57 30.76 -19.31 -8.01
C MET E 57 30.01 -19.46 -6.70
N ASP E 58 30.46 -20.38 -5.87
CA ASP E 58 29.83 -20.68 -4.58
C ASP E 58 30.84 -21.36 -3.66
N PHE E 59 30.54 -21.35 -2.36
CA PHE E 59 31.44 -21.99 -1.40
C PHE E 59 31.66 -23.47 -1.70
N GLY E 60 30.62 -24.19 -2.11
CA GLY E 60 30.78 -25.61 -2.39
C GLY E 60 31.76 -25.88 -3.50
N THR E 61 31.72 -25.07 -4.55
CA THR E 61 32.67 -25.21 -5.65
C THR E 61 34.07 -24.85 -5.17
N MET E 62 34.20 -23.80 -4.37
CA MET E 62 35.50 -23.42 -3.81
C MET E 62 36.07 -24.54 -2.95
N LYS E 63 35.22 -25.16 -2.13
CA LYS E 63 35.68 -26.28 -1.31
C LYS E 63 36.19 -27.41 -2.19
N ASP E 64 35.46 -27.73 -3.26
CA ASP E 64 35.90 -28.80 -4.15
C ASP E 64 37.25 -28.48 -4.75
N LYS E 65 37.48 -27.21 -5.11
CA LYS E 65 38.76 -26.78 -5.66
C LYS E 65 39.90 -26.93 -4.66
N ILE E 66 39.64 -26.64 -3.39
CA ILE E 66 40.66 -26.81 -2.37
C ILE E 66 41.06 -28.28 -2.28
N VAL E 67 40.06 -29.16 -2.16
CA VAL E 67 40.28 -30.60 -2.05
C VAL E 67 41.05 -31.14 -3.25
N ALA E 68 40.78 -30.65 -4.46
CA ALA E 68 41.50 -31.13 -5.62
C ALA E 68 42.82 -30.38 -5.84
N ASN E 69 43.23 -29.55 -4.89
CA ASN E 69 44.48 -28.80 -4.94
C ASN E 69 44.62 -28.00 -6.23
N GLU E 70 43.52 -27.37 -6.65
CA GLU E 70 43.49 -26.55 -7.86
C GLU E 70 43.91 -25.09 -7.66
N TYR E 71 43.90 -24.57 -6.43
CA TYR E 71 44.31 -23.20 -6.19
C TYR E 71 45.83 -23.17 -6.07
N LYS E 72 46.48 -22.36 -6.91
CA LYS E 72 47.93 -22.22 -6.86
C LYS E 72 48.39 -21.19 -5.85
N SER E 73 47.50 -20.33 -5.37
CA SER E 73 47.89 -19.29 -4.44
C SER E 73 46.65 -18.84 -3.68
N VAL E 74 46.89 -18.16 -2.56
CA VAL E 74 45.77 -17.54 -1.84
C VAL E 74 45.09 -16.51 -2.72
N THR E 75 45.87 -15.82 -3.56
CA THR E 75 45.32 -14.83 -4.49
C THR E 75 44.23 -15.42 -5.37
N GLU E 76 44.47 -16.61 -5.93
CA GLU E 76 43.45 -17.23 -6.77
C GLU E 76 42.22 -17.57 -5.97
N PHE E 77 42.39 -17.98 -4.72
CA PHE E 77 41.25 -18.25 -3.87
C PHE E 77 40.49 -16.93 -3.63
N LYS E 78 41.21 -15.84 -3.36
CA LYS E 78 40.55 -14.56 -3.14
C LYS E 78 39.77 -14.15 -4.39
N ALA E 79 40.30 -14.48 -5.56
CA ALA E 79 39.63 -14.09 -6.80
C ALA E 79 38.31 -14.84 -6.96
N ASP E 80 38.24 -16.11 -6.54
CA ASP E 80 36.96 -16.79 -6.60
C ASP E 80 36.00 -16.23 -5.55
N PHE E 81 36.51 -15.92 -4.36
CA PHE E 81 35.65 -15.35 -3.32
C PHE E 81 35.06 -14.02 -3.79
N LYS E 82 35.91 -13.13 -4.34
CA LYS E 82 35.44 -11.86 -4.88
C LYS E 82 34.41 -12.09 -5.99
N LEU E 83 34.71 -13.04 -6.87
CA LEU E 83 33.80 -13.35 -7.97
C LEU E 83 32.43 -13.73 -7.44
N MET E 84 32.41 -14.57 -6.40
CA MET E 84 31.15 -15.01 -5.80
C MET E 84 30.36 -13.81 -5.29
N CYS E 85 31.03 -12.92 -4.57
CA CYS E 85 30.37 -11.73 -4.04
C CYS E 85 29.96 -10.79 -5.16
N ASP E 86 30.82 -10.63 -6.17
CA ASP E 86 30.50 -9.69 -7.25
C ASP E 86 29.28 -10.18 -8.04
N ASN E 87 29.14 -11.49 -8.21
CA ASN E 87 27.98 -12.04 -8.90
C ASN E 87 26.69 -11.72 -8.15
N ALA E 88 26.71 -11.86 -6.82
CA ALA E 88 25.55 -11.59 -5.98
C ALA E 88 25.16 -10.12 -6.02
N MET E 89 26.14 -9.22 -6.02
CA MET E 89 25.83 -7.80 -6.07
C MET E 89 25.44 -7.35 -7.46
N THR E 90 25.69 -8.17 -8.47
CA THR E 90 25.25 -7.86 -9.82
C THR E 90 23.83 -8.38 -10.03
N TYR E 91 23.58 -9.65 -9.66
CA TYR E 91 22.25 -10.26 -9.88
C TYR E 91 21.15 -9.65 -9.02
N ASN E 92 21.44 -9.40 -7.75
CA ASN E 92 20.43 -9.01 -6.78
C ASN E 92 20.37 -7.50 -6.66
N ARG E 93 19.15 -6.99 -6.44
CA ARG E 93 18.94 -5.58 -6.25
C ARG E 93 19.56 -5.13 -4.93
N PRO E 94 20.02 -3.87 -4.83
CA PRO E 94 20.67 -3.39 -3.60
C PRO E 94 19.85 -3.50 -2.33
N ASP E 95 18.54 -3.52 -2.43
CA ASP E 95 17.65 -3.57 -1.28
C ASP E 95 17.39 -4.98 -0.77
N THR E 96 17.96 -6.01 -1.41
CA THR E 96 17.72 -7.39 -1.02
C THR E 96 18.69 -7.86 0.07
N VAL E 97 18.24 -8.85 0.84
CA VAL E 97 19.09 -9.51 1.84
C VAL E 97 20.39 -10.02 1.21
N TYR E 98 20.29 -10.61 0.01
CA TYR E 98 21.43 -11.20 -0.69
C TYR E 98 22.49 -10.16 -1.03
N TYR E 99 22.09 -9.02 -1.55
CA TYR E 99 23.05 -7.98 -1.90
C TYR E 99 23.75 -7.51 -0.65
N LYS E 100 22.99 -7.26 0.42
CA LYS E 100 23.58 -6.72 1.64
C LYS E 100 24.56 -7.72 2.25
N LEU E 101 24.23 -9.03 2.19
CA LEU E 101 25.12 -10.06 2.71
C LEU E 101 26.38 -10.18 1.89
N ALA E 102 26.25 -10.14 0.56
CA ALA E 102 27.42 -10.20 -0.31
C ALA E 102 28.37 -9.04 -0.02
N LYS E 103 27.83 -7.84 0.18
CA LYS E 103 28.69 -6.70 0.45
C LYS E 103 29.38 -6.83 1.80
N LYS E 104 28.64 -7.25 2.82
CA LYS E 104 29.22 -7.45 4.16
C LYS E 104 30.30 -8.53 4.18
N ILE E 105 30.01 -9.71 3.62
CA ILE E 105 30.99 -10.79 3.64
C ILE E 105 32.22 -10.45 2.77
N LEU E 106 32.02 -9.81 1.62
CA LEU E 106 33.17 -9.46 0.78
C LEU E 106 34.14 -8.57 1.55
N HIS E 107 33.62 -7.56 2.24
CA HIS E 107 34.48 -6.71 3.05
C HIS E 107 35.13 -7.53 4.16
N ALA E 108 34.37 -8.40 4.79
CA ALA E 108 34.94 -9.14 5.91
C ALA E 108 35.98 -10.13 5.44
N GLY E 109 35.75 -10.78 4.30
CA GLY E 109 36.75 -11.70 3.77
C GLY E 109 38.04 -11.04 3.33
N PHE E 110 37.94 -9.88 2.66
CA PHE E 110 39.15 -9.15 2.26
C PHE E 110 39.95 -8.74 3.48
N LYS E 111 39.25 -8.26 4.50
CA LYS E 111 39.92 -7.83 5.73
C LYS E 111 40.64 -9.01 6.35
N MET E 112 40.00 -10.19 6.35
CA MET E 112 40.60 -11.38 6.95
C MET E 112 41.82 -11.82 6.16
N MET E 113 41.75 -11.80 4.83
CA MET E 113 42.82 -12.28 3.98
C MET E 113 43.70 -11.12 3.47
N SER E 114 43.72 -10.00 4.20
CA SER E 114 44.36 -8.78 3.68
C SER E 114 45.87 -8.91 3.58
N LYS E 115 46.49 -9.63 4.51
CA LYS E 115 47.91 -9.86 4.40
C LYS E 115 48.25 -10.97 3.41
N GLN E 116 47.24 -11.54 2.76
CA GLN E 116 47.41 -12.59 1.76
C GLN E 116 48.32 -13.73 2.22
N SER F 14 -35.51 45.53 0.09
CA SER F 14 -34.42 45.04 0.93
C SER F 14 -33.36 46.13 1.11
N THR F 15 -32.82 46.19 2.33
CA THR F 15 -31.91 47.26 2.73
C THR F 15 -30.57 47.14 2.01
N PRO F 16 -29.76 48.20 2.03
CA PRO F 16 -28.42 48.10 1.42
C PRO F 16 -27.57 46.99 2.01
N ILE F 17 -27.81 46.61 3.26
CA ILE F 17 -27.02 45.54 3.86
C ILE F 17 -27.47 44.18 3.32
N GLN F 18 -28.78 43.98 3.17
CA GLN F 18 -29.26 42.69 2.65
C GLN F 18 -28.74 42.47 1.24
N GLN F 19 -28.67 43.54 0.46
CA GLN F 19 -28.16 43.49 -0.91
C GLN F 19 -26.69 43.08 -0.93
N LEU F 20 -25.88 43.69 -0.07
CA LEU F 20 -24.45 43.39 -0.09
C LEU F 20 -24.22 41.93 0.32
N LEU F 21 -24.93 41.48 1.35
CA LEU F 21 -24.76 40.11 1.82
C LEU F 21 -25.25 39.12 0.78
N GLU F 22 -26.29 39.49 0.04
CA GLU F 22 -26.76 38.65 -1.05
C GLU F 22 -25.72 38.55 -2.13
N HIS F 23 -25.04 39.68 -2.43
CA HIS F 23 -23.96 39.66 -3.41
C HIS F 23 -22.85 38.71 -2.94
N PHE F 24 -22.43 38.86 -1.68
CA PHE F 24 -21.36 38.03 -1.14
C PHE F 24 -21.75 36.56 -1.15
N LEU F 25 -22.98 36.26 -0.77
CA LEU F 25 -23.40 34.85 -0.73
C LEU F 25 -23.35 34.22 -2.11
N ARG F 26 -23.85 34.91 -3.14
CA ARG F 26 -23.77 34.32 -4.47
C ARG F 26 -22.33 34.16 -4.94
N GLN F 27 -21.47 35.11 -4.61
CA GLN F 27 -20.08 34.99 -5.05
C GLN F 27 -19.39 33.83 -4.34
N LEU F 28 -19.70 33.62 -3.06
CA LEU F 28 -19.08 32.54 -2.31
C LEU F 28 -19.62 31.20 -2.78
N GLN F 29 -20.92 31.17 -3.06
CA GLN F 29 -21.56 29.93 -3.48
C GLN F 29 -21.01 29.49 -4.82
N ARG F 30 -20.59 30.45 -5.66
CA ARG F 30 -19.94 30.10 -6.93
C ARG F 30 -18.65 29.33 -6.68
N LYS F 31 -18.04 29.50 -5.51
CA LYS F 31 -16.82 28.80 -5.13
C LYS F 31 -17.09 27.39 -4.64
N ASP F 32 -18.36 27.02 -4.50
CA ASP F 32 -18.77 25.69 -4.03
C ASP F 32 -19.68 25.11 -5.12
N PRO F 33 -19.13 24.82 -6.29
CA PRO F 33 -19.96 24.30 -7.40
C PRO F 33 -20.59 22.96 -7.12
N HIS F 34 -20.02 22.16 -6.23
CA HIS F 34 -20.61 20.87 -5.94
C HIS F 34 -21.66 20.91 -4.84
N GLY F 35 -21.82 22.04 -4.16
CA GLY F 35 -22.86 22.20 -3.15
C GLY F 35 -22.52 21.47 -1.86
N PHE F 36 -21.23 21.38 -1.53
CA PHE F 36 -20.81 20.79 -0.27
C PHE F 36 -21.36 21.55 0.93
N PHE F 37 -21.53 22.86 0.80
CA PHE F 37 -22.02 23.71 1.87
C PHE F 37 -23.48 24.10 1.70
N ALA F 38 -24.17 23.52 0.72
CA ALA F 38 -25.52 23.95 0.36
C ALA F 38 -26.55 23.66 1.45
N PHE F 39 -26.47 22.52 2.12
CA PHE F 39 -27.51 22.18 3.08
C PHE F 39 -26.90 21.65 4.36
N PRO F 40 -27.69 21.58 5.45
CA PRO F 40 -27.15 21.07 6.72
C PRO F 40 -26.60 19.66 6.60
N VAL F 41 -25.47 19.42 7.25
CA VAL F 41 -24.84 18.09 7.26
C VAL F 41 -25.67 17.13 8.12
N THR F 42 -26.13 16.02 7.55
CA THR F 42 -26.93 15.13 8.38
C THR F 42 -26.03 14.07 9.02
N ASP F 43 -26.55 13.47 10.10
CA ASP F 43 -25.85 12.38 10.76
C ASP F 43 -25.82 11.13 9.91
N ALA F 44 -26.81 10.98 9.01
CA ALA F 44 -26.87 9.84 8.11
C ALA F 44 -25.70 9.82 7.14
N ILE F 45 -25.32 10.99 6.63
CA ILE F 45 -24.18 11.12 5.73
C ILE F 45 -22.85 11.19 6.50
N ALA F 46 -22.89 11.66 7.74
CA ALA F 46 -21.69 11.89 8.56
C ALA F 46 -21.92 11.50 10.01
N PRO F 47 -21.81 10.22 10.31
CA PRO F 47 -22.09 9.72 11.67
C PRO F 47 -21.32 10.45 12.76
N GLY F 48 -22.06 10.88 13.77
CA GLY F 48 -21.54 11.61 14.91
C GLY F 48 -21.42 13.09 14.68
N TYR F 49 -21.87 13.58 13.52
CA TYR F 49 -21.73 15.01 13.22
C TYR F 49 -22.35 15.85 14.33
N SER F 50 -23.60 15.54 14.71
CA SER F 50 -24.25 16.35 15.73
C SER F 50 -23.65 16.19 17.12
N MET F 51 -22.81 15.18 17.35
CA MET F 51 -22.05 15.05 18.59
C MET F 51 -20.81 15.94 18.60
N ILE F 52 -20.24 16.18 17.43
CA ILE F 52 -19.01 16.95 17.31
C ILE F 52 -19.30 18.42 17.08
N ILE F 53 -20.17 18.75 16.14
CA ILE F 53 -20.41 20.14 15.81
C ILE F 53 -21.65 20.56 16.58
N LYS F 54 -21.52 21.56 17.42
CA LYS F 54 -22.62 21.91 18.31
C LYS F 54 -23.50 22.98 17.68
N HIS F 55 -22.95 23.80 16.79
CA HIS F 55 -23.66 24.88 16.12
C HIS F 55 -23.47 24.78 14.60
N PRO F 56 -24.30 23.98 13.93
CA PRO F 56 -24.15 23.77 12.48
C PRO F 56 -24.49 25.04 11.69
N MET F 57 -23.88 25.17 10.51
CA MET F 57 -24.18 26.30 9.64
C MET F 57 -24.00 25.85 8.19
N ASP F 58 -24.73 26.51 7.29
CA ASP F 58 -24.71 26.18 5.87
C ASP F 58 -25.21 27.38 5.07
N PHE F 59 -24.90 27.40 3.77
CA PHE F 59 -25.36 28.49 2.91
C PHE F 59 -26.87 28.65 2.92
N GLY F 60 -27.61 27.53 2.92
CA GLY F 60 -29.06 27.61 2.92
C GLY F 60 -29.59 28.32 4.14
N THR F 61 -28.98 28.06 5.30
CA THR F 61 -29.40 28.73 6.51
C THR F 61 -29.06 30.22 6.47
N MET F 62 -27.87 30.55 5.93
CA MET F 62 -27.46 31.94 5.78
C MET F 62 -28.39 32.71 4.85
N LYS F 63 -28.80 32.07 3.75
CA LYS F 63 -29.72 32.71 2.82
C LYS F 63 -31.04 33.01 3.52
N ASP F 64 -31.55 32.06 4.30
CA ASP F 64 -32.79 32.29 5.03
C ASP F 64 -32.65 33.46 5.99
N LYS F 65 -31.49 33.56 6.65
CA LYS F 65 -31.24 34.68 7.56
C LYS F 65 -31.20 36.02 6.83
N ILE F 66 -30.64 36.05 5.62
CA ILE F 66 -30.62 37.29 4.84
C ILE F 66 -32.04 37.72 4.52
N VAL F 67 -32.84 36.80 3.96
CA VAL F 67 -34.22 37.09 3.59
C VAL F 67 -35.04 37.56 4.79
N ALA F 68 -34.81 36.98 5.97
CA ALA F 68 -35.56 37.39 7.16
C ALA F 68 -34.93 38.58 7.87
N ASN F 69 -33.93 39.21 7.27
CA ASN F 69 -33.26 40.39 7.83
C ASN F 69 -32.78 40.15 9.25
N GLU F 70 -32.22 38.97 9.49
CA GLU F 70 -31.69 38.58 10.80
C GLU F 70 -30.27 39.04 11.05
N TYR F 71 -29.51 39.35 10.00
CA TYR F 71 -28.13 39.80 10.18
C TYR F 71 -28.17 41.29 10.49
N LYS F 72 -27.59 41.68 11.65
CA LYS F 72 -27.54 43.09 12.02
C LYS F 72 -26.37 43.82 11.41
N SER F 73 -25.38 43.10 10.91
CA SER F 73 -24.18 43.72 10.35
C SER F 73 -23.52 42.71 9.41
N VAL F 74 -22.62 43.22 8.56
CA VAL F 74 -21.79 42.33 7.74
C VAL F 74 -20.93 41.46 8.64
N THR F 75 -20.49 42.00 9.77
CA THR F 75 -19.71 41.23 10.71
C THR F 75 -20.44 39.95 11.13
N GLU F 76 -21.73 40.04 11.44
CA GLU F 76 -22.47 38.83 11.84
C GLU F 76 -22.53 37.82 10.70
N PHE F 77 -22.65 38.30 9.45
CA PHE F 77 -22.67 37.39 8.32
C PHE F 77 -21.33 36.68 8.21
N LYS F 78 -20.24 37.43 8.37
CA LYS F 78 -18.91 36.84 8.31
C LYS F 78 -18.75 35.79 9.40
N ALA F 79 -19.37 36.00 10.56
CA ALA F 79 -19.21 35.08 11.67
C ALA F 79 -19.89 33.74 11.37
N ASP F 80 -21.03 33.75 10.68
CA ASP F 80 -21.64 32.48 10.28
C ASP F 80 -20.83 31.79 9.21
N PHE F 81 -20.29 32.56 8.26
CA PHE F 81 -19.48 31.97 7.21
C PHE F 81 -18.26 31.29 7.84
N LYS F 82 -17.59 31.99 8.75
CA LYS F 82 -16.45 31.42 9.47
C LYS F 82 -16.88 30.17 10.24
N LEU F 83 -18.03 30.26 10.92
CA LEU F 83 -18.54 29.12 11.68
C LEU F 83 -18.73 27.93 10.77
N MET F 84 -19.30 28.17 9.59
CA MET F 84 -19.53 27.10 8.62
C MET F 84 -18.22 26.42 8.23
N CYS F 85 -17.21 27.21 7.88
CA CYS F 85 -15.91 26.67 7.51
C CYS F 85 -15.22 26.01 8.68
N ASP F 86 -15.30 26.62 9.86
CA ASP F 86 -14.62 26.05 11.02
C ASP F 86 -15.22 24.69 11.37
N ASN F 87 -16.54 24.54 11.22
CA ASN F 87 -17.18 23.26 11.48
C ASN F 87 -16.65 22.18 10.54
N ALA F 88 -16.50 22.51 9.26
CA ALA F 88 -15.98 21.56 8.29
C ALA F 88 -14.54 21.17 8.59
N MET F 89 -13.71 22.12 9.01
CA MET F 89 -12.32 21.77 9.32
C MET F 89 -12.19 21.07 10.65
N THR F 90 -13.23 21.10 11.49
CA THR F 90 -13.19 20.35 12.71
C THR F 90 -13.70 18.93 12.46
N TYR F 91 -14.84 18.80 11.78
CA TYR F 91 -15.42 17.49 11.54
C TYR F 91 -14.60 16.62 10.62
N ASN F 92 -14.07 17.19 9.54
CA ASN F 92 -13.44 16.39 8.50
C ASN F 92 -11.93 16.33 8.71
N ARG F 93 -11.38 15.19 8.33
CA ARG F 93 -9.95 14.93 8.42
C ARG F 93 -9.21 15.83 7.40
N PRO F 94 -7.97 16.19 7.71
CA PRO F 94 -7.20 17.08 6.79
C PRO F 94 -7.00 16.60 5.36
N ASP F 95 -7.04 15.30 5.08
CA ASP F 95 -6.81 14.81 3.73
C ASP F 95 -8.06 14.78 2.86
N THR F 96 -9.20 15.16 3.41
CA THR F 96 -10.44 15.06 2.66
C THR F 96 -10.72 16.29 1.81
N VAL F 97 -11.49 16.09 0.73
CA VAL F 97 -11.95 17.18 -0.12
C VAL F 97 -12.66 18.25 0.71
N TYR F 98 -13.50 17.82 1.68
CA TYR F 98 -14.26 18.76 2.50
C TYR F 98 -13.34 19.67 3.31
N TYR F 99 -12.32 19.11 3.94
CA TYR F 99 -11.42 19.94 4.74
C TYR F 99 -10.69 20.90 3.83
N LYS F 100 -10.19 20.40 2.70
CA LYS F 100 -9.40 21.25 1.80
C LYS F 100 -10.25 22.40 1.21
N LEU F 101 -11.51 22.11 0.87
CA LEU F 101 -12.41 23.13 0.34
C LEU F 101 -12.77 24.15 1.40
N ALA F 102 -13.06 23.70 2.61
CA ALA F 102 -13.38 24.62 3.68
C ALA F 102 -12.24 25.62 3.91
N LYS F 103 -11.00 25.15 3.90
CA LYS F 103 -9.87 26.05 4.11
C LYS F 103 -9.70 27.03 2.94
N LYS F 104 -9.85 26.51 1.70
CA LYS F 104 -9.74 27.33 0.50
C LYS F 104 -10.82 28.41 0.44
N ILE F 105 -12.08 28.01 0.65
CA ILE F 105 -13.19 28.95 0.59
C ILE F 105 -13.13 29.96 1.73
N LEU F 106 -12.73 29.54 2.93
CA LEU F 106 -12.64 30.48 4.04
C LEU F 106 -11.66 31.62 3.73
N HIS F 107 -10.47 31.28 3.22
CA HIS F 107 -9.51 32.31 2.87
C HIS F 107 -10.06 33.22 1.80
N ALA F 108 -10.74 32.66 0.81
CA ALA F 108 -11.27 33.49 -0.26
C ALA F 108 -12.41 34.36 0.22
N GLY F 109 -13.28 33.84 1.10
CA GLY F 109 -14.36 34.69 1.61
C GLY F 109 -13.88 35.84 2.47
N PHE F 110 -12.90 35.60 3.35
CA PHE F 110 -12.36 36.69 4.17
C PHE F 110 -11.73 37.74 3.28
N LYS F 111 -10.96 37.30 2.28
CA LYS F 111 -10.27 38.22 1.38
C LYS F 111 -11.30 39.10 0.66
N MET F 112 -12.41 38.49 0.22
CA MET F 112 -13.43 39.24 -0.50
C MET F 112 -14.09 40.25 0.42
N MET F 113 -14.40 39.85 1.66
CA MET F 113 -15.13 40.71 2.59
C MET F 113 -14.17 41.42 3.56
N SER F 114 -12.96 41.72 3.10
CA SER F 114 -11.96 42.42 3.91
C SER F 114 -12.15 43.94 3.91
N GLU G 13 -8.63 10.81 -53.41
CA GLU G 13 -7.63 11.38 -52.52
C GLU G 13 -8.18 11.56 -51.11
N SER G 14 -7.51 10.96 -50.13
CA SER G 14 -7.92 11.12 -48.73
C SER G 14 -8.03 12.60 -48.38
N THR G 15 -9.10 12.95 -47.67
CA THR G 15 -9.20 14.29 -47.14
C THR G 15 -8.37 14.41 -45.86
N PRO G 16 -8.06 15.64 -45.43
CA PRO G 16 -7.35 15.79 -44.14
C PRO G 16 -8.08 15.13 -42.98
N ILE G 17 -9.41 15.16 -42.98
CA ILE G 17 -10.11 14.49 -41.91
C ILE G 17 -9.90 12.98 -42.02
N GLN G 18 -9.94 12.42 -43.24
CA GLN G 18 -9.74 10.99 -43.40
C GLN G 18 -8.34 10.58 -42.98
N GLN G 19 -7.33 11.40 -43.27
CA GLN G 19 -5.96 11.08 -42.85
C GLN G 19 -5.80 11.06 -41.33
N LEU G 20 -6.31 12.08 -40.65
CA LEU G 20 -6.10 12.15 -39.21
C LEU G 20 -6.80 11.03 -38.43
N LEU G 21 -8.05 10.72 -38.76
CA LEU G 21 -8.80 9.70 -38.01
C LEU G 21 -8.25 8.29 -38.19
N GLU G 22 -7.75 7.98 -39.39
CA GLU G 22 -7.14 6.67 -39.62
C GLU G 22 -5.84 6.60 -38.80
N HIS G 23 -5.11 7.73 -38.74
CA HIS G 23 -3.92 7.78 -37.90
C HIS G 23 -4.33 7.50 -36.45
N PHE G 24 -5.38 8.19 -35.97
CA PHE G 24 -5.87 7.96 -34.60
C PHE G 24 -6.34 6.53 -34.40
N LEU G 25 -7.09 6.00 -35.39
CA LEU G 25 -7.62 4.63 -35.31
C LEU G 25 -6.53 3.60 -35.21
N ARG G 26 -5.47 3.73 -36.00
CA ARG G 26 -4.38 2.77 -35.90
C ARG G 26 -3.75 2.84 -34.51
N GLN G 27 -3.64 4.03 -33.94
CA GLN G 27 -3.09 4.13 -32.60
C GLN G 27 -4.02 3.48 -31.58
N LEU G 28 -5.34 3.63 -31.78
CA LEU G 28 -6.29 3.06 -30.83
C LEU G 28 -6.32 1.55 -30.95
N GLN G 29 -6.25 1.05 -32.17
CA GLN G 29 -6.30 -0.37 -32.41
C GLN G 29 -5.06 -1.08 -31.86
N ARG G 30 -3.91 -0.40 -31.84
CA ARG G 30 -2.72 -0.98 -31.24
C ARG G 30 -2.91 -1.26 -29.75
N LYS G 31 -3.84 -0.55 -29.11
CA LYS G 31 -4.15 -0.74 -27.70
C LYS G 31 -5.04 -1.94 -27.47
N ASP G 32 -5.50 -2.58 -28.55
CA ASP G 32 -6.36 -3.75 -28.49
C ASP G 32 -5.64 -4.83 -29.31
N PRO G 33 -4.48 -5.29 -28.83
CA PRO G 33 -3.71 -6.28 -29.59
C PRO G 33 -4.41 -7.61 -29.77
N HIS G 34 -5.35 -7.94 -28.90
CA HIS G 34 -6.03 -9.22 -29.03
C HIS G 34 -7.25 -9.14 -29.94
N GLY G 35 -7.64 -7.95 -30.37
CA GLY G 35 -8.72 -7.74 -31.31
C GLY G 35 -10.10 -7.92 -30.72
N PHE G 36 -10.26 -7.61 -29.44
CA PHE G 36 -11.56 -7.66 -28.77
C PHE G 36 -12.57 -6.71 -29.40
N PHE G 37 -12.11 -5.59 -29.91
CA PHE G 37 -12.97 -4.58 -30.49
C PHE G 37 -12.95 -4.60 -32.02
N ALA G 38 -12.30 -5.61 -32.61
CA ALA G 38 -12.09 -5.63 -34.05
C ALA G 38 -13.38 -5.77 -34.85
N PHE G 39 -14.32 -6.58 -34.39
CA PHE G 39 -15.49 -6.80 -35.23
C PHE G 39 -16.76 -6.70 -34.41
N PRO G 40 -17.92 -6.55 -35.06
CA PRO G 40 -19.18 -6.47 -34.32
C PRO G 40 -19.48 -7.70 -33.45
N VAL G 41 -20.00 -7.46 -32.25
CA VAL G 41 -20.40 -8.51 -31.32
C VAL G 41 -21.65 -9.21 -31.82
N THR G 42 -21.60 -10.54 -32.04
CA THR G 42 -22.80 -11.23 -32.52
C THR G 42 -23.65 -11.78 -31.36
N ASP G 43 -24.92 -12.04 -31.65
CA ASP G 43 -25.81 -12.66 -30.67
C ASP G 43 -25.45 -14.12 -30.40
N ALA G 44 -24.84 -14.80 -31.36
CA ALA G 44 -24.43 -16.18 -31.15
C ALA G 44 -23.36 -16.29 -30.07
N ILE G 45 -22.42 -15.34 -30.06
CA ILE G 45 -21.36 -15.31 -29.05
C ILE G 45 -21.82 -14.67 -27.75
N ALA G 46 -22.79 -13.77 -27.81
CA ALA G 46 -23.26 -13.00 -26.66
C ALA G 46 -24.77 -12.84 -26.69
N PRO G 47 -25.50 -13.86 -26.27
CA PRO G 47 -26.96 -13.85 -26.34
C PRO G 47 -27.62 -12.65 -25.67
N GLY G 48 -28.51 -12.01 -26.43
CA GLY G 48 -29.26 -10.84 -26.05
C GLY G 48 -28.52 -9.54 -26.27
N TYR G 49 -27.33 -9.60 -26.87
CA TYR G 49 -26.54 -8.39 -27.05
C TYR G 49 -27.35 -7.33 -27.77
N SER G 50 -27.96 -7.69 -28.90
CA SER G 50 -28.70 -6.66 -29.63
C SER G 50 -29.96 -6.17 -28.93
N MET G 51 -30.43 -6.86 -27.89
CA MET G 51 -31.52 -6.35 -27.06
C MET G 51 -31.01 -5.36 -26.04
N ILE G 52 -29.75 -5.53 -25.62
CA ILE G 52 -29.17 -4.70 -24.59
C ILE G 52 -28.48 -3.51 -25.20
N ILE G 53 -27.64 -3.75 -26.20
CA ILE G 53 -26.86 -2.69 -26.81
C ILE G 53 -27.64 -2.28 -28.04
N LYS G 54 -28.07 -1.02 -28.08
CA LYS G 54 -28.97 -0.61 -29.16
C LYS G 54 -28.21 -0.05 -30.36
N HIS G 55 -27.02 0.52 -30.13
CA HIS G 55 -26.20 1.12 -31.17
C HIS G 55 -24.81 0.52 -31.08
N PRO G 56 -24.58 -0.66 -31.68
CA PRO G 56 -23.29 -1.33 -31.58
C PRO G 56 -22.22 -0.56 -32.34
N MET G 57 -20.97 -0.69 -31.88
CA MET G 57 -19.83 -0.07 -32.55
C MET G 57 -18.58 -0.92 -32.34
N ASP G 58 -17.64 -0.84 -33.29
CA ASP G 58 -16.39 -1.60 -33.27
C ASP G 58 -15.37 -0.89 -34.17
N PHE G 59 -14.08 -1.22 -33.97
CA PHE G 59 -13.03 -0.63 -34.79
C PHE G 59 -13.24 -0.85 -36.29
N GLY G 60 -13.70 -2.06 -36.68
CA GLY G 60 -13.88 -2.33 -38.09
C GLY G 60 -14.91 -1.43 -38.74
N THR G 61 -15.99 -1.15 -38.03
CA THR G 61 -17.02 -0.25 -38.52
C THR G 61 -16.48 1.17 -38.61
N MET G 62 -15.69 1.56 -37.60
CA MET G 62 -15.07 2.88 -37.62
C MET G 62 -14.15 3.01 -38.83
N LYS G 63 -13.38 1.96 -39.12
CA LYS G 63 -12.52 1.97 -40.29
C LYS G 63 -13.35 2.13 -41.55
N ASP G 64 -14.45 1.38 -41.64
CA ASP G 64 -15.33 1.47 -42.81
C ASP G 64 -15.90 2.87 -42.98
N LYS G 65 -16.27 3.50 -41.87
CA LYS G 65 -16.80 4.87 -41.92
C LYS G 65 -15.76 5.87 -42.44
N ILE G 66 -14.50 5.71 -42.05
CA ILE G 66 -13.44 6.59 -42.54
C ILE G 66 -13.27 6.42 -44.04
N VAL G 67 -13.16 5.17 -44.50
CA VAL G 67 -12.97 4.86 -45.91
C VAL G 67 -14.08 5.45 -46.76
N ALA G 68 -15.32 5.39 -46.27
CA ALA G 68 -16.45 5.93 -47.00
C ALA G 68 -16.66 7.42 -46.74
N ASN G 69 -15.70 8.07 -46.07
CA ASN G 69 -15.77 9.50 -45.77
C ASN G 69 -17.07 9.88 -45.08
N GLU G 70 -17.50 9.04 -44.12
CA GLU G 70 -18.73 9.30 -43.40
C GLU G 70 -18.57 10.22 -42.21
N TYR G 71 -17.37 10.37 -41.69
CA TYR G 71 -17.16 11.23 -40.53
C TYR G 71 -17.01 12.68 -40.97
N LYS G 72 -17.88 13.54 -40.43
CA LYS G 72 -17.80 14.96 -40.70
C LYS G 72 -16.85 15.68 -39.77
N SER G 73 -16.47 15.04 -38.66
CA SER G 73 -15.59 15.73 -37.70
C SER G 73 -14.86 14.72 -36.82
N VAL G 74 -13.80 15.22 -36.18
CA VAL G 74 -13.09 14.45 -35.16
C VAL G 74 -14.03 14.17 -33.99
N THR G 75 -14.91 15.12 -33.69
CA THR G 75 -15.90 14.98 -32.63
C THR G 75 -16.75 13.73 -32.82
N GLU G 76 -17.24 13.51 -34.05
CA GLU G 76 -18.05 12.32 -34.33
C GLU G 76 -17.24 11.04 -34.15
N PHE G 77 -15.96 11.07 -34.54
CA PHE G 77 -15.11 9.90 -34.39
C PHE G 77 -14.90 9.59 -32.91
N LYS G 78 -14.65 10.63 -32.10
CA LYS G 78 -14.48 10.37 -30.67
C LYS G 78 -15.75 9.80 -30.07
N ALA G 79 -16.91 10.23 -30.57
CA ALA G 79 -18.20 9.77 -30.06
C ALA G 79 -18.41 8.29 -30.36
N ASP G 80 -17.98 7.84 -31.54
CA ASP G 80 -18.09 6.42 -31.87
C ASP G 80 -17.15 5.59 -31.02
N PHE G 81 -15.92 6.08 -30.79
CA PHE G 81 -14.99 5.35 -29.94
C PHE G 81 -15.56 5.21 -28.53
N LYS G 82 -16.06 6.32 -27.98
CA LYS G 82 -16.70 6.30 -26.66
C LYS G 82 -17.88 5.34 -26.64
N LEU G 83 -18.72 5.37 -27.68
CA LEU G 83 -19.88 4.49 -27.76
C LEU G 83 -19.45 3.03 -27.68
N MET G 84 -18.39 2.69 -28.41
CA MET G 84 -17.85 1.34 -28.39
C MET G 84 -17.46 0.92 -26.99
N CYS G 85 -16.71 1.78 -26.30
CA CYS G 85 -16.29 1.44 -24.95
C CYS G 85 -17.47 1.40 -24.00
N ASP G 86 -18.40 2.35 -24.14
CA ASP G 86 -19.56 2.39 -23.24
C ASP G 86 -20.45 1.16 -23.44
N ASN G 87 -20.57 0.69 -24.68
CA ASN G 87 -21.33 -0.52 -24.97
C ASN G 87 -20.70 -1.71 -24.26
N ALA G 88 -19.36 -1.80 -24.29
CA ALA G 88 -18.65 -2.90 -23.64
C ALA G 88 -18.85 -2.89 -22.12
N MET G 89 -18.86 -1.69 -21.52
CA MET G 89 -19.05 -1.56 -20.07
C MET G 89 -20.51 -1.71 -19.66
N THR G 90 -21.44 -1.65 -20.60
CA THR G 90 -22.83 -1.91 -20.26
C THR G 90 -23.11 -3.40 -20.37
N TYR G 91 -22.69 -4.01 -21.49
CA TYR G 91 -22.93 -5.44 -21.71
C TYR G 91 -22.16 -6.34 -20.76
N ASN G 92 -20.89 -6.06 -20.51
CA ASN G 92 -20.08 -7.02 -19.77
C ASN G 92 -20.05 -6.66 -18.31
N ARG G 93 -20.03 -7.69 -17.46
CA ARG G 93 -19.94 -7.45 -16.04
C ARG G 93 -18.57 -6.90 -15.66
N PRO G 94 -18.52 -6.11 -14.60
CA PRO G 94 -17.24 -5.48 -14.17
C PRO G 94 -16.11 -6.45 -13.90
N ASP G 95 -16.35 -7.73 -13.61
CA ASP G 95 -15.21 -8.59 -13.32
C ASP G 95 -14.56 -9.18 -14.56
N THR G 96 -15.06 -8.89 -15.76
CA THR G 96 -14.54 -9.47 -17.00
C THR G 96 -13.38 -8.69 -17.62
N VAL G 97 -12.55 -9.41 -18.37
CA VAL G 97 -11.47 -8.79 -19.15
C VAL G 97 -12.03 -7.70 -20.05
N TYR G 98 -13.20 -7.98 -20.67
CA TYR G 98 -13.83 -7.07 -21.62
C TYR G 98 -14.19 -5.75 -20.95
N TYR G 99 -14.79 -5.81 -19.77
CA TYR G 99 -15.15 -4.56 -19.09
C TYR G 99 -13.90 -3.77 -18.73
N LYS G 100 -12.90 -4.45 -18.17
CA LYS G 100 -11.70 -3.77 -17.71
C LYS G 100 -10.94 -3.15 -18.88
N LEU G 101 -10.91 -3.83 -20.02
CA LEU G 101 -10.24 -3.28 -21.19
C LEU G 101 -10.97 -2.05 -21.72
N ALA G 102 -12.30 -2.11 -21.79
CA ALA G 102 -13.08 -0.97 -22.26
C ALA G 102 -12.84 0.27 -21.41
N LYS G 103 -12.80 0.11 -20.08
CA LYS G 103 -12.55 1.29 -19.26
C LYS G 103 -11.13 1.81 -19.45
N LYS G 104 -10.16 0.89 -19.49
CA LYS G 104 -8.77 1.29 -19.72
C LYS G 104 -8.57 1.94 -21.07
N ILE G 105 -9.09 1.32 -22.14
CA ILE G 105 -8.91 1.86 -23.48
C ILE G 105 -9.63 3.19 -23.64
N LEU G 106 -10.83 3.35 -23.05
CA LEU G 106 -11.51 4.64 -23.18
C LEU G 106 -10.64 5.77 -22.63
N HIS G 107 -10.12 5.60 -21.42
CA HIS G 107 -9.28 6.64 -20.83
C HIS G 107 -8.02 6.85 -21.65
N ALA G 108 -7.41 5.78 -22.13
CA ALA G 108 -6.12 5.91 -22.80
C ALA G 108 -6.27 6.51 -24.19
N GLY G 109 -7.31 6.13 -24.92
CA GLY G 109 -7.53 6.72 -26.24
C GLY G 109 -7.84 8.21 -26.22
N PHE G 110 -8.64 8.67 -25.26
CA PHE G 110 -8.91 10.10 -25.16
C PHE G 110 -7.63 10.87 -24.90
N LYS G 111 -6.78 10.35 -24.02
CA LYS G 111 -5.53 11.01 -23.68
C LYS G 111 -4.66 11.14 -24.92
N MET G 112 -4.64 10.10 -25.74
CA MET G 112 -3.83 10.07 -26.94
C MET G 112 -4.35 11.09 -27.96
N MET G 113 -5.68 11.25 -28.08
CA MET G 113 -6.22 12.13 -29.12
C MET G 113 -6.50 13.52 -28.54
N SER G 114 -5.42 14.10 -28.01
CA SER G 114 -5.33 15.52 -27.64
C SER G 114 -3.89 15.80 -27.21
N SER H 14 -2.99 -21.04 47.76
CA SER H 14 -2.43 -20.98 46.41
C SER H 14 -0.90 -20.89 46.43
N THR H 15 -0.23 -21.72 45.64
CA THR H 15 1.22 -21.69 45.51
C THR H 15 1.63 -20.66 44.45
N PRO H 16 2.92 -20.28 44.41
CA PRO H 16 3.36 -19.32 43.38
C PRO H 16 3.00 -19.75 41.97
N ILE H 17 3.18 -21.01 41.62
CA ILE H 17 2.84 -21.44 40.26
C ILE H 17 1.33 -21.29 40.03
N GLN H 18 0.50 -21.63 41.01
CA GLN H 18 -0.95 -21.48 40.83
C GLN H 18 -1.34 -20.03 40.63
N GLN H 19 -0.68 -19.12 41.34
CA GLN H 19 -0.96 -17.70 41.18
C GLN H 19 -0.59 -17.24 39.78
N LEU H 20 0.60 -17.62 39.32
CA LEU H 20 1.04 -17.12 38.03
C LEU H 20 0.16 -17.66 36.92
N LEU H 21 -0.19 -18.95 36.99
CA LEU H 21 -1.01 -19.53 35.92
C LEU H 21 -2.41 -18.94 35.91
N GLU H 22 -2.95 -18.64 37.09
CA GLU H 22 -4.25 -17.98 37.14
C GLU H 22 -4.18 -16.57 36.58
N HIS H 23 -3.09 -15.86 36.87
CA HIS H 23 -2.94 -14.52 36.32
C HIS H 23 -2.95 -14.60 34.80
N PHE H 24 -2.15 -15.50 34.22
CA PHE H 24 -2.08 -15.67 32.77
C PHE H 24 -3.43 -16.06 32.18
N LEU H 25 -4.12 -17.01 32.85
CA LEU H 25 -5.41 -17.49 32.35
C LEU H 25 -6.45 -16.39 32.26
N ARG H 26 -6.56 -15.52 33.27
CA ARG H 26 -7.53 -14.44 33.16
C ARG H 26 -7.18 -13.51 32.01
N GLN H 27 -5.90 -13.26 31.77
CA GLN H 27 -5.51 -12.43 30.65
C GLN H 27 -5.85 -13.12 29.33
N LEU H 28 -5.69 -14.45 29.29
CA LEU H 28 -5.97 -15.17 28.06
C LEU H 28 -7.46 -15.23 27.80
N GLN H 29 -8.25 -15.43 28.86
CA GLN H 29 -9.68 -15.50 28.73
C GLN H 29 -10.29 -14.16 28.30
N ARG H 30 -9.67 -13.05 28.71
CA ARG H 30 -10.12 -11.72 28.29
C ARG H 30 -10.01 -11.55 26.79
N LYS H 31 -9.14 -12.33 26.14
CA LYS H 31 -8.98 -12.29 24.70
C LYS H 31 -10.07 -13.08 24.00
N ASP H 32 -10.90 -13.78 24.76
CA ASP H 32 -12.00 -14.59 24.25
C ASP H 32 -13.28 -14.09 24.93
N PRO H 33 -13.68 -12.85 24.62
CA PRO H 33 -14.87 -12.28 25.29
C PRO H 33 -16.16 -13.00 24.99
N HIS H 34 -16.28 -13.72 23.87
CA HIS H 34 -17.54 -14.40 23.63
C HIS H 34 -17.57 -15.81 24.21
N GLY H 35 -16.45 -16.29 24.74
CA GLY H 35 -16.41 -17.59 25.39
C GLY H 35 -16.43 -18.78 24.47
N PHE H 36 -15.85 -18.64 23.28
CA PHE H 36 -15.71 -19.75 22.36
C PHE H 36 -14.89 -20.90 22.95
N PHE H 37 -13.93 -20.56 23.81
CA PHE H 37 -13.04 -21.51 24.44
C PHE H 37 -13.44 -21.81 25.88
N ALA H 38 -14.60 -21.30 26.32
CA ALA H 38 -14.99 -21.37 27.72
C ALA H 38 -15.26 -22.79 28.19
N PHE H 39 -15.88 -23.62 27.37
CA PHE H 39 -16.26 -24.94 27.87
C PHE H 39 -15.93 -26.03 26.86
N PRO H 40 -15.90 -27.30 27.31
CA PRO H 40 -15.62 -28.41 26.38
C PRO H 40 -16.58 -28.50 25.21
N VAL H 41 -16.03 -28.79 24.03
CA VAL H 41 -16.82 -28.97 22.83
C VAL H 41 -17.58 -30.30 22.88
N THR H 42 -18.91 -30.24 22.79
CA THR H 42 -19.62 -31.53 22.86
C THR H 42 -19.83 -32.08 21.45
N ASP H 43 -20.06 -33.39 21.39
CA ASP H 43 -20.36 -34.05 20.12
C ASP H 43 -21.74 -33.64 19.60
N ALA H 44 -22.67 -33.28 20.49
CA ALA H 44 -23.99 -32.81 20.07
C ALA H 44 -23.89 -31.50 19.31
N ILE H 45 -23.00 -30.62 19.76
CA ILE H 45 -22.74 -29.33 19.15
C ILE H 45 -21.80 -29.42 17.94
N ALA H 46 -20.92 -30.43 17.90
CA ALA H 46 -19.91 -30.58 16.86
C ALA H 46 -19.73 -32.04 16.52
N PRO H 47 -20.63 -32.61 15.71
CA PRO H 47 -20.59 -34.04 15.42
C PRO H 47 -19.25 -34.56 14.91
N GLY H 48 -18.79 -35.63 15.57
CA GLY H 48 -17.55 -36.30 15.31
C GLY H 48 -16.38 -35.67 15.99
N TYR H 49 -16.62 -34.66 16.82
CA TYR H 49 -15.51 -33.97 17.48
C TYR H 49 -14.64 -34.98 18.21
N SER H 50 -15.26 -35.86 19.02
CA SER H 50 -14.43 -36.79 19.77
C SER H 50 -13.74 -37.83 18.89
N MET H 51 -14.14 -37.97 17.62
CA MET H 51 -13.43 -38.79 16.65
C MET H 51 -12.23 -38.07 16.04
N ILE H 52 -12.30 -36.74 15.93
CA ILE H 52 -11.25 -35.95 15.29
C ILE H 52 -10.25 -35.46 16.32
N ILE H 53 -10.75 -34.89 17.41
CA ILE H 53 -9.89 -34.30 18.42
C ILE H 53 -9.74 -35.36 19.51
N LYS H 54 -8.51 -35.80 19.77
CA LYS H 54 -8.32 -36.92 20.69
C LYS H 54 -8.08 -36.47 22.12
N HIS H 55 -7.52 -35.27 22.30
CA HIS H 55 -7.21 -34.70 23.62
C HIS H 55 -7.80 -33.30 23.71
N PRO H 56 -9.09 -33.18 24.04
CA PRO H 56 -9.74 -31.86 24.06
C PRO H 56 -9.22 -30.97 25.18
N MET H 57 -9.29 -29.66 24.96
CA MET H 57 -8.88 -28.75 26.00
C MET H 57 -9.68 -27.46 25.89
N ASP H 58 -9.85 -26.78 27.01
CA ASP H 58 -10.61 -25.55 27.09
C ASP H 58 -10.19 -24.78 28.33
N PHE H 59 -10.53 -23.48 28.35
CA PHE H 59 -10.20 -22.64 29.51
C PHE H 59 -10.80 -23.19 30.80
N GLY H 60 -12.03 -23.71 30.75
CA GLY H 60 -12.65 -24.23 31.95
C GLY H 60 -11.87 -25.38 32.54
N THR H 61 -11.36 -26.27 31.68
CA THR H 61 -10.55 -27.39 32.14
C THR H 61 -9.23 -26.86 32.68
N MET H 62 -8.66 -25.86 32.01
CA MET H 62 -7.42 -25.26 32.47
C MET H 62 -7.61 -24.63 33.85
N LYS H 63 -8.72 -23.94 34.09
CA LYS H 63 -8.94 -23.39 35.42
C LYS H 63 -9.02 -24.51 36.45
N ASP H 64 -9.77 -25.58 36.13
CA ASP H 64 -9.89 -26.71 37.03
C ASP H 64 -8.54 -27.34 37.32
N LYS H 65 -7.70 -27.45 36.29
CA LYS H 65 -6.36 -28.01 36.48
C LYS H 65 -5.52 -27.14 37.41
N ILE H 66 -5.66 -25.82 37.33
CA ILE H 66 -4.92 -24.94 38.25
C ILE H 66 -5.37 -25.18 39.70
N VAL H 67 -6.68 -25.16 39.95
CA VAL H 67 -7.27 -25.29 41.29
C VAL H 67 -6.86 -26.58 42.01
N ALA H 68 -6.81 -27.70 41.31
CA ALA H 68 -6.42 -28.97 41.94
C ALA H 68 -4.91 -29.17 41.94
N ASN H 69 -4.15 -28.11 41.62
CA ASN H 69 -2.69 -28.09 41.58
C ASN H 69 -2.07 -29.17 40.71
N GLU H 70 -2.65 -29.39 39.52
CA GLU H 70 -2.15 -30.40 38.58
C GLU H 70 -1.03 -29.92 37.67
N TYR H 71 -0.85 -28.60 37.51
CA TYR H 71 0.23 -28.12 36.64
C TYR H 71 1.52 -28.10 37.43
N LYS H 72 2.52 -28.82 36.91
CA LYS H 72 3.85 -28.86 37.53
C LYS H 72 4.73 -27.72 37.06
N SER H 73 4.39 -27.06 35.96
CA SER H 73 5.23 -25.99 35.43
C SER H 73 4.41 -25.09 34.53
N VAL H 74 4.96 -23.90 34.26
CA VAL H 74 4.38 -23.00 33.27
C VAL H 74 4.39 -23.65 31.90
N THR H 75 5.43 -24.45 31.63
CA THR H 75 5.57 -25.17 30.38
C THR H 75 4.35 -26.04 30.10
N GLU H 76 3.88 -26.79 31.11
CA GLU H 76 2.70 -27.64 30.90
C GLU H 76 1.46 -26.81 30.61
N PHE H 77 1.33 -25.65 31.27
CA PHE H 77 0.19 -24.77 31.03
C PHE H 77 0.22 -24.22 29.61
N LYS H 78 1.38 -23.79 29.13
CA LYS H 78 1.47 -23.29 27.77
C LYS H 78 1.10 -24.39 26.78
N ALA H 79 1.45 -25.63 27.11
CA ALA H 79 1.18 -26.77 26.24
C ALA H 79 -0.31 -27.03 26.11
N ASP H 80 -1.06 -26.86 27.20
CA ASP H 80 -2.52 -27.02 27.14
C ASP H 80 -3.16 -25.87 26.35
N PHE H 81 -2.66 -24.64 26.52
CA PHE H 81 -3.20 -23.52 25.76
C PHE H 81 -2.98 -23.76 24.27
N LYS H 82 -1.77 -24.16 23.89
CA LYS H 82 -1.47 -24.49 22.49
C LYS H 82 -2.37 -25.63 22.00
N LEU H 83 -2.54 -26.67 22.81
CA LEU H 83 -3.39 -27.80 22.41
C LEU H 83 -4.81 -27.32 22.12
N MET H 84 -5.33 -26.44 22.97
CA MET H 84 -6.68 -25.89 22.79
C MET H 84 -6.78 -25.18 21.45
N CYS H 85 -5.81 -24.32 21.15
CA CYS H 85 -5.83 -23.60 19.88
C CYS H 85 -5.63 -24.56 18.72
N ASP H 86 -4.71 -25.51 18.87
CA ASP H 86 -4.42 -26.45 17.79
C ASP H 86 -5.62 -27.35 17.51
N ASN H 87 -6.36 -27.73 18.56
CA ASN H 87 -7.57 -28.51 18.37
C ASN H 87 -8.59 -27.74 17.54
N ALA H 88 -8.75 -26.45 17.85
CA ALA H 88 -9.69 -25.59 17.13
C ALA H 88 -9.27 -25.43 15.68
N MET H 89 -7.97 -25.31 15.41
CA MET H 89 -7.54 -25.15 14.02
C MET H 89 -7.58 -26.47 13.24
N THR H 90 -7.67 -27.60 13.93
CA THR H 90 -7.82 -28.88 13.23
C THR H 90 -9.30 -29.14 12.95
N TYR H 91 -10.13 -28.97 13.97
CA TYR H 91 -11.55 -29.26 13.83
C TYR H 91 -12.28 -28.30 12.89
N ASN H 92 -12.00 -27.00 12.96
CA ASN H 92 -12.78 -26.03 12.23
C ASN H 92 -12.13 -25.66 10.93
N ARG H 93 -12.97 -25.42 9.93
CA ARG H 93 -12.43 -25.00 8.65
C ARG H 93 -11.83 -23.59 8.74
N PRO H 94 -10.81 -23.31 7.92
CA PRO H 94 -10.15 -22.00 7.95
C PRO H 94 -11.05 -20.79 7.72
N ASP H 95 -12.20 -20.96 7.08
CA ASP H 95 -13.05 -19.80 6.83
C ASP H 95 -13.95 -19.43 8.00
N THR H 96 -13.89 -20.17 9.09
CA THR H 96 -14.75 -19.96 10.24
C THR H 96 -14.16 -18.98 11.25
N VAL H 97 -15.07 -18.33 11.98
CA VAL H 97 -14.70 -17.47 13.10
C VAL H 97 -13.82 -18.24 14.08
N TYR H 98 -14.18 -19.51 14.32
CA TYR H 98 -13.47 -20.35 15.29
C TYR H 98 -12.01 -20.55 14.89
N TYR H 99 -11.74 -20.88 13.63
CA TYR H 99 -10.36 -21.09 13.21
C TYR H 99 -9.56 -19.78 13.33
N LYS H 100 -10.13 -18.68 12.85
CA LYS H 100 -9.40 -17.41 12.86
C LYS H 100 -9.12 -16.95 14.28
N LEU H 101 -10.07 -17.20 15.19
CA LEU H 101 -9.86 -16.82 16.59
C LEU H 101 -8.76 -17.67 17.21
N ALA H 102 -8.77 -18.98 16.94
CA ALA H 102 -7.73 -19.86 17.48
C ALA H 102 -6.35 -19.43 17.04
N LYS H 103 -6.20 -19.06 15.76
CA LYS H 103 -4.89 -18.62 15.29
C LYS H 103 -4.49 -17.31 15.92
N LYS H 104 -5.43 -16.37 15.99
CA LYS H 104 -5.14 -15.08 16.61
C LYS H 104 -4.79 -15.20 18.10
N ILE H 105 -5.63 -15.92 18.85
CA ILE H 105 -5.39 -16.05 20.29
C ILE H 105 -4.09 -16.83 20.58
N LEU H 106 -3.80 -17.86 19.80
CA LEU H 106 -2.56 -18.60 20.05
C LEU H 106 -1.34 -17.69 19.97
N HIS H 107 -1.27 -16.88 18.90
CA HIS H 107 -0.12 -15.97 18.75
CA HIS H 107 -0.12 -15.99 18.76
C HIS H 107 -0.11 -14.93 19.86
N ALA H 108 -1.28 -14.36 20.17
CA ALA H 108 -1.33 -13.26 21.15
C ALA H 108 -1.09 -13.75 22.57
N GLY H 109 -1.61 -14.92 22.94
CA GLY H 109 -1.36 -15.42 24.28
C GLY H 109 0.09 -15.75 24.56
N PHE H 110 0.77 -16.36 23.59
CA PHE H 110 2.20 -16.64 23.77
C PHE H 110 2.96 -15.32 23.93
N LYS H 111 2.61 -14.33 23.11
CA LYS H 111 3.25 -13.02 23.13
C LYS H 111 3.03 -12.41 24.52
N MET H 112 1.82 -12.59 25.04
CA MET H 112 1.44 -12.06 26.35
C MET H 112 2.25 -12.74 27.45
N MET H 113 2.48 -14.05 27.36
CA MET H 113 3.16 -14.77 28.44
C MET H 113 4.67 -14.89 28.19
N SER H 114 5.19 -14.29 27.14
CA SER H 114 6.64 -14.25 26.92
C SER H 114 7.17 -12.86 27.25
C1 A1BB8 I . -17.89 20.73 3.62
C2 A1BB8 I . -19.36 20.94 4.27
C3 A1BB8 I . -19.37 18.63 5.50
O1 A1BB8 I . -18.55 19.04 6.34
O2 A1BB8 I . -17.06 8.66 11.08
O3 A1BB8 I . -8.78 5.33 8.50
C41 A1BB8 I . -25.17 15.44 0.44
C42 A1BB8 I . -22.92 14.05 0.26
C43 A1BB8 I . -21.72 9.71 0.99
C44 A1BB8 I . -21.66 9.01 -0.45
C45 A1BB8 I . -20.77 8.43 0.77
C46 A1BB8 I . -18.65 15.13 5.81
C47 A1BB8 I . -19.48 16.25 6.60
C11 A1BB8 I . -16.18 8.49 10.22
C12 A1BB8 I . -15.19 7.32 10.56
C13 A1BB8 I . -14.23 7.82 11.76
C14 A1BB8 I . -13.17 8.92 11.18
C15 A1BB8 I . -12.04 8.03 10.43
C16 A1BB8 I . -11.14 7.07 11.35
C17 A1BB8 I . -10.01 6.16 10.68
C18 A1BB8 I . -9.82 6.19 9.08
C19 A1BB8 I . -8.60 5.55 7.06
C20 A1BB8 I . -10.75 7.12 8.15
C21 A1BB8 I . -11.88 8.05 8.83
C22 A1BB8 I . -15.74 4.82 11.35
C23 A1BB8 I . -16.72 3.85 12.14
C24 A1BB8 I . -17.34 2.77 11.15
C25 A1BB8 I . -18.40 3.31 10.15
C26 A1BB8 I . -19.56 4.07 10.85
C27 A1BB8 I . -19.07 5.14 11.93
C28 A1BB8 I . -17.76 5.01 14.34
C29 A1BB8 I . -19.01 5.84 14.98
C30 A1BB8 I . -18.85 7.38 15.43
C10 A1BB8 I . -17.29 10.57 8.83
C31 A1BB8 I . -20.34 8.04 15.45
C32 A1BB8 I . -17.83 8.17 14.40
C33 A1BB8 I . -18.25 7.31 16.94
C34 A1BB8 I . -17.00 8.32 17.06
C35 A1BB8 I . -15.25 9.50 7.69
C36 A1BB8 I . -16.09 10.04 6.43
C37 A1BB8 I . -20.29 11.43 2.38
C38 A1BB8 I . -21.05 12.09 -0.11
C39 A1BB8 I . -22.56 12.70 -0.08
C4 A1BB8 I . -20.86 16.71 4.59
C40 A1BB8 I . -23.77 11.97 -0.39
C5 A1BB8 I . -20.08 15.70 3.64
C6 A1BB8 I . -19.49 13.14 4.16
C7 A1BB8 I . -18.97 10.60 4.53
C8 A1BB8 I . -17.55 9.44 6.61
C9 A1BB8 I . -18.32 10.33 7.62
N1 A1BB8 I . -19.91 19.50 4.37
N10 A1BB8 I . -21.01 11.09 1.07
N11 A1BB8 I . -24.86 12.86 -0.25
N12 A1BB8 I . -24.33 14.17 0.16
N13 A1BB8 I . -20.20 12.86 2.85
N2 A1BB8 I . -19.90 17.23 5.58
N3 A1BB8 I . -19.44 14.60 4.56
N4 A1BB8 I . -18.86 12.04 5.02
N5 A1BB8 I . -18.37 9.39 5.26
N6 A1BB8 I . -16.19 9.42 8.95
N7 A1BB8 I . -16.11 6.34 11.29
N8 A1BB8 I . -17.84 4.69 12.84
N9 A1BB8 I . -19.67 10.32 3.21
O4 A1BB8 I . -14.71 4.39 10.81
O5 A1BB8 I . -16.81 4.62 15.01
O6 A1BB8 I . -20.10 5.25 15.17
C1 A1BB8 J . 23.81 -14.35 -2.10
C2 A1BB8 J . 24.17 -15.68 -2.93
C3 A1BB8 J . 22.19 -15.47 -4.65
O1 A1BB8 J . 22.67 -14.44 -5.16
O2 A1BB8 J . 13.72 -11.88 -11.61
O3 A1BB8 J . 9.69 -4.42 -7.73
C41 A1BB8 J . 16.98 -23.13 -2.42
C42 A1BB8 J . 15.57 -21.02 -1.70
C43 A1BB8 J . 12.52 -18.67 -2.64
C44 A1BB8 J . 11.56 -18.78 -1.35
C45 A1BB8 J . 11.30 -17.64 -2.46
C46 A1BB8 J . 18.81 -14.79 -5.59
C47 A1BB8 J . 20.12 -15.40 -6.28
C11 A1BB8 J . 13.30 -11.20 -10.67
C12 A1BB8 J . 12.20 -10.16 -11.09
C13 A1BB8 J . 12.87 -8.95 -11.93
C14 A1BB8 J . 13.77 -7.99 -10.97
C15 A1BB8 J . 12.71 -7.07 -10.15
C16 A1BB8 J . 11.87 -5.93 -10.92
C17 A1BB8 J . 10.83 -5.02 -10.08
C18 A1BB8 J . 10.63 -5.26 -8.50
C19 A1BB8 J . 8.92 -3.47 -8.55
C20 A1BB8 J . 11.48 -6.39 -7.76
C21 A1BB8 J . 12.52 -7.30 -8.58
C22 A1BB8 J . 9.94 -10.56 -12.51
C23 A1BB8 J . 9.23 -11.31 -13.72
C24 A1BB8 J . 7.97 -12.16 -13.21
C25 A1BB8 J . 8.32 -13.45 -12.41
C26 A1BB8 J . 9.32 -14.39 -13.13
C27 A1BB8 J . 10.54 -13.64 -13.85
C28 A1BB8 J . 10.87 -11.76 -15.82
C29 A1BB8 J . 11.87 -12.78 -16.57
C30 A1BB8 J . 13.45 -12.47 -16.60
C10 A1BB8 J . 15.03 -12.58 -9.03
C31 A1BB8 J . 14.23 -13.86 -16.93
C32 A1BB8 J . 13.80 -11.86 -15.13
C33 A1BB8 J . 13.68 -11.40 -17.81
C34 A1BB8 J . 14.24 -10.02 -17.17
C35 A1BB8 J . 13.59 -10.81 -7.84
C36 A1BB8 J . 13.85 -11.87 -6.65
C37 A1BB8 J . 14.53 -17.09 -3.40
C38 A1BB8 J . 14.73 -18.48 -1.10
C39 A1BB8 J . 15.81 -19.59 -1.57
C4 A1BB8 J . 20.25 -17.23 -4.63
C40 A1BB8 J . 17.18 -19.34 -1.95
C5 A1BB8 J . 18.99 -16.71 -3.79
C6 A1BB8 J . 16.56 -15.97 -4.61
C7 A1BB8 J . 14.15 -15.21 -5.28
C8 A1BB8 J . 13.43 -13.29 -7.19
C9 A1BB8 J . 14.57 -13.81 -8.10
N1 A1BB8 J . 22.85 -16.22 -3.49
N10 A1BB8 J . 13.93 -18.09 -2.38
N11 A1BB8 J . 17.77 -20.57 -2.30
N12 A1BB8 J . 16.76 -21.63 -2.14
N13 A1BB8 J . 16.03 -16.97 -3.58
N2 A1BB8 J . 20.89 -16.03 -5.20
N3 A1BB8 J . 18.06 -15.90 -4.75
N4 A1BB8 J . 15.65 -15.09 -5.46
N5 A1BB8 J . 13.11 -14.37 -6.06
N6 A1BB8 J . 13.89 -11.48 -9.24
N7 A1BB8 J . 11.45 -10.86 -12.20
N8 A1BB8 J . 10.25 -12.22 -14.49
N9 A1BB8 J . 13.62 -16.21 -4.25
O4 A1BB8 J . 9.31 -9.72 -11.85
O5 A1BB8 J . 10.60 -10.65 -16.30
O6 A1BB8 J . 11.42 -13.81 -17.11
C1 GOL K . -13.84 12.49 11.48
O1 GOL K . -14.85 12.26 10.56
C2 GOL K . -14.43 12.15 12.88
O2 GOL K . -15.74 11.63 12.82
C3 GOL K . -14.20 13.39 13.85
O3 GOL K . -14.25 14.62 13.15
C1 A1BB8 L . -15.10 -5.60 -25.43
C2 A1BB8 L . -15.86 -5.61 -26.86
C3 A1BB8 L . -17.62 -7.48 -26.31
O1 A1BB8 L . -18.19 -6.76 -25.47
O2 A1BB8 L . -25.58 -14.06 -21.45
O3 A1BB8 L . -23.19 -15.31 -12.93
C41 A1BB8 L . -15.62 -12.73 -31.64
C42 A1BB8 L . -15.18 -13.76 -29.27
C43 A1BB8 L . -16.46 -17.52 -26.68
C44 A1BB8 L . -15.34 -18.40 -25.93
C45 A1BB8 L . -16.82 -18.28 -25.32
C46 A1BB8 L . -18.61 -10.21 -24.63
C47 A1BB8 L . -19.33 -9.37 -25.79
C11 A1BB8 L . -24.87 -14.13 -20.44
C12 A1BB8 L . -25.63 -14.57 -19.13
C13 A1BB8 L . -26.44 -13.30 -18.57
C14 A1BB8 L . -25.33 -12.28 -17.97
C15 A1BB8 L . -24.77 -13.07 -16.68
C16 A1BB8 L . -25.77 -13.32 -15.45
C17 A1BB8 L . -25.22 -14.09 -14.15
C18 A1BB8 L . -23.69 -14.59 -14.12
C19 A1BB8 L . -21.73 -15.43 -12.87
C20 A1BB8 L . -22.71 -14.36 -15.37
C21 A1BB8 L . -23.25 -13.59 -16.67
C22 A1BB8 L . -27.09 -16.82 -19.08
C23 A1BB8 L . -28.25 -17.69 -19.75
C24 A1BB8 L . -27.61 -19.10 -20.14
C25 A1BB8 L . -27.43 -19.33 -21.68
C26 A1BB8 L . -27.01 -18.08 -22.46
C27 A1BB8 L . -28.22 -17.04 -22.40
C28 A1BB8 L . -30.20 -16.16 -20.81
C29 A1BB8 L . -30.75 -15.49 -22.18
C30 A1BB8 L . -30.69 -13.88 -22.33
C10 A1BB8 L . -23.19 -13.41 -22.26
C31 A1BB8 L . -31.01 -13.44 -23.87
C32 A1BB8 L . -29.16 -13.44 -21.93
C33 A1BB8 L . -31.81 -13.26 -21.31
C34 A1BB8 L . -31.06 -12.26 -20.27
C35 A1BB8 L . -21.94 -13.54 -20.10
C36 A1BB8 L . -20.81 -13.61 -21.28
C37 A1BB8 L . -17.12 -15.09 -25.81
C38 A1BB8 L . -14.84 -15.42 -27.14
C39 A1BB8 L . -15.15 -15.08 -28.70
C4 A1BB8 L . -17.60 -9.86 -27.46
C40 A1BB8 L . -15.43 -16.05 -29.73
C5 A1BB8 L . -16.74 -10.79 -26.49
C6 A1BB8 L . -17.87 -12.70 -25.11
C7 A1BB8 L . -19.18 -14.68 -24.16
C8 A1BB8 L . -21.18 -14.89 -22.15
C9 A1BB8 L . -22.54 -14.72 -22.86
N1 A1BB8 L . -16.39 -7.04 -27.11
N10 A1BB8 L . -16.16 -16.01 -26.56
N11 A1BB8 L . -15.63 -15.33 -30.93
N12 A1BB8 L . -15.48 -13.89 -30.63
N13 A1BB8 L . -16.91 -13.60 -25.89
N2 A1BB8 L . -18.18 -8.86 -26.54
N3 A1BB8 L . -17.60 -11.23 -25.24
N4 A1BB8 L . -19.02 -13.19 -24.25
N5 A1BB8 L . -20.27 -15.38 -23.35
N6 A1BB8 L . -23.38 -13.73 -20.76
N7 A1BB8 L . -26.73 -15.45 -19.71
N8 A1BB8 L . -28.91 -16.94 -20.97
N9 A1BB8 L . -18.25 -15.61 -24.94
O4 A1BB8 L . -26.49 -17.23 -18.07
O5 A1BB8 L . -30.76 -16.06 -19.71
O6 A1BB8 L . -31.19 -16.23 -23.07
C1 A1BB8 M . -12.89 -22.42 19.06
C2 A1BB8 M . -13.19 -23.48 20.24
C3 A1BB8 M . -14.74 -25.14 18.89
O1 A1BB8 M . -13.79 -25.53 18.17
O2 A1BB8 M . -19.79 -31.77 11.19
O3 A1BB8 M . -19.31 -27.33 3.20
C41 A1BB8 M . -24.68 -25.03 23.25
C42 A1BB8 M . -23.90 -23.91 21.00
C43 A1BB8 M . -24.68 -23.64 17.68
C44 A1BB8 M . -25.16 -23.59 16.16
C45 A1BB8 M . -25.36 -24.94 17.01
C46 A1BB8 M . -17.06 -25.88 16.47
C47 A1BB8 M . -16.34 -26.74 17.61
C11 A1BB8 M . -19.76 -30.77 10.45
C12 A1BB8 M . -19.96 -31.11 8.94
C13 A1BB8 M . -18.58 -31.72 8.39
C14 A1BB8 M . -17.54 -30.48 8.31
C15 A1BB8 M . -18.01 -29.68 6.97
C16 A1BB8 M . -17.82 -30.36 5.52
C17 A1BB8 M . -18.25 -29.55 4.21
C18 A1BB8 M . -18.89 -28.09 4.38
C19 A1BB8 M . -19.49 -25.89 3.47
C20 A1BB8 M . -19.10 -27.41 5.83
C21 A1BB8 M . -18.65 -28.22 7.13
C22 A1BB8 M . -21.89 -32.68 7.96
C23 A1BB8 M . -22.81 -33.98 8.09
C24 A1BB8 M . -24.32 -33.46 8.25
C25 A1BB8 M . -24.97 -33.78 9.62
C26 A1BB8 M . -24.10 -33.55 10.87
C27 A1BB8 M . -22.75 -34.39 10.78
C28 A1BB8 M . -21.44 -36.05 9.11
C29 A1BB8 M . -21.01 -36.88 10.44
C30 A1BB8 M . -19.46 -36.96 10.90
C10 A1BB8 M . -19.37 -29.60 12.77
C31 A1BB8 M . -19.43 -37.57 12.40
C32 A1BB8 M . -18.84 -35.44 10.84
C33 A1BB8 M . -18.74 -37.99 9.88
C34 A1BB8 M . -18.01 -37.16 8.69
C35 A1BB8 M . -19.35 -27.88 10.84
C36 A1BB8 M . -19.59 -26.96 12.14
C37 A1BB8 M . -22.15 -24.44 16.99
C38 A1BB8 M . -22.53 -22.72 18.97
C39 A1BB8 M . -22.68 -23.39 20.45
C4 A1BB8 M . -17.27 -25.35 19.44
C40 A1BB8 M . -21.63 -23.54 21.43
C5 A1BB8 M . -18.06 -24.36 18.48
C6 A1BB8 M . -19.65 -25.13 16.58
C7 A1BB8 M . -21.42 -25.97 14.94
C8 A1BB8 M . -20.85 -27.64 12.80
C9 A1BB8 M . -20.38 -28.77 13.70
N1 A1BB8 M . -14.59 -24.09 19.99
N10 A1BB8 M . -23.14 -23.64 17.87
N11 A1BB8 M . -22.20 -24.14 22.57
N12 A1BB8 M . -23.63 -24.38 22.30
N13 A1BB8 M . -20.70 -24.39 17.39
N2 A1BB8 M . -16.09 -25.75 18.66
N3 A1BB8 M . -18.24 -25.01 17.05
N4 A1BB8 M . -19.97 -25.92 15.32
N5 A1BB8 M . -21.82 -26.73 13.68
N6 A1BB8 M . -19.54 -29.41 11.22
N7 A1BB8 M . -20.83 -32.36 9.05
N8 A1BB8 M . -22.32 -34.84 9.32
N9 A1BB8 M . -22.50 -25.23 15.73
O4 A1BB8 M . -22.04 -31.91 7.02
O5 A1BB8 M . -21.10 -36.41 7.96
O6 A1BB8 M . -21.89 -37.45 11.09
#